data_1DRN
# 
_entry.id   1DRN 
# 
_audit_conform.dict_name       mmcif_pdbx.dic 
_audit_conform.dict_version    5.392 
_audit_conform.dict_location   http://mmcif.pdb.org/dictionaries/ascii/mmcif_pdbx.dic 
# 
loop_
_database_2.database_id 
_database_2.database_code 
_database_2.pdbx_database_accession 
_database_2.pdbx_DOI 
PDB   1DRN         pdb_00001drn 10.2210/pdb1drn/pdb 
WWPDB D_1000172910 ?            ?                   
# 
loop_
_pdbx_audit_revision_history.ordinal 
_pdbx_audit_revision_history.data_content_type 
_pdbx_audit_revision_history.major_revision 
_pdbx_audit_revision_history.minor_revision 
_pdbx_audit_revision_history.revision_date 
1 'Structure model' 1 0 1996-04-03 
2 'Structure model' 1 1 2008-03-24 
3 'Structure model' 1 2 2011-07-13 
4 'Structure model' 1 3 2022-02-16 
5 'Structure model' 1 4 2024-05-22 
# 
_pdbx_audit_revision_details.ordinal             1 
_pdbx_audit_revision_details.revision_ordinal    1 
_pdbx_audit_revision_details.data_content_type   'Structure model' 
_pdbx_audit_revision_details.provider            repository 
_pdbx_audit_revision_details.type                'Initial release' 
_pdbx_audit_revision_details.description         ? 
_pdbx_audit_revision_details.details             ? 
# 
loop_
_pdbx_audit_revision_group.ordinal 
_pdbx_audit_revision_group.revision_ordinal 
_pdbx_audit_revision_group.data_content_type 
_pdbx_audit_revision_group.group 
1 2 'Structure model' 'Version format compliance' 
2 3 'Structure model' 'Version format compliance' 
3 4 'Structure model' 'Database references'       
4 4 'Structure model' 'Derived calculations'      
5 4 'Structure model' Other                       
6 5 'Structure model' 'Data collection'           
# 
loop_
_pdbx_audit_revision_category.ordinal 
_pdbx_audit_revision_category.revision_ordinal 
_pdbx_audit_revision_category.data_content_type 
_pdbx_audit_revision_category.category 
1 4 'Structure model' database_2            
2 4 'Structure model' pdbx_database_status  
3 4 'Structure model' pdbx_struct_assembly  
4 4 'Structure model' pdbx_struct_oper_list 
5 5 'Structure model' chem_comp_atom        
6 5 'Structure model' chem_comp_bond        
# 
loop_
_pdbx_audit_revision_item.ordinal 
_pdbx_audit_revision_item.revision_ordinal 
_pdbx_audit_revision_item.data_content_type 
_pdbx_audit_revision_item.item 
1 4 'Structure model' '_database_2.pdbx_DOI'                
2 4 'Structure model' '_database_2.pdbx_database_accession' 
3 4 'Structure model' '_pdbx_database_status.process_site'  
# 
_pdbx_database_status.status_code                     REL 
_pdbx_database_status.entry_id                        1DRN 
_pdbx_database_status.recvd_initial_deposition_date   1995-11-15 
_pdbx_database_status.deposit_site                    ? 
_pdbx_database_status.process_site                    BNL 
_pdbx_database_status.status_code_sf                  ? 
_pdbx_database_status.status_code_mr                  REL 
_pdbx_database_status.SG_entry                        ? 
_pdbx_database_status.pdb_format_compatible           Y 
_pdbx_database_status.status_code_cs                  ? 
_pdbx_database_status.status_code_nmr_data            ? 
_pdbx_database_status.methods_development_category    ? 
# 
_pdbx_database_related.db_name        PDB 
_pdbx_database_related.db_id          1DHH 
_pdbx_database_related.details        'MINIMIZED AVERAGE STRUCTURE' 
_pdbx_database_related.content_type   unspecified 
# 
loop_
_audit_author.name 
_audit_author.pdbx_ordinal 
'Nishizaki, T.' 1 
'Iwai, S.'      2 
'Ohkubo, T.'    3 
'Kojima, C.'    4 
'Nakamura, H.'  5 
'Kyogoku, Y.'   6 
'Ohtsuka, E.'   7 
# 
_citation.id                        primary 
_citation.title                     
;Solution Strucutres of DNA duplexes containing a DNA x RNA hybrid region, d(GG)r(AGAU)d(GAC) x d(GTCATCTCC) and d(GGAGA)r(UGAC) x d(GTCATCTCC).
;
_citation.journal_abbrev            Biochemistry 
_citation.journal_volume            35 
_citation.page_first                4016 
_citation.page_last                 4025 
_citation.year                      1996 
_citation.journal_id_ASTM           BICHAW 
_citation.country                   US 
_citation.journal_id_ISSN           0006-2960 
_citation.journal_id_CSD            0033 
_citation.book_publisher            ? 
_citation.pdbx_database_id_PubMed   8672435 
_citation.pdbx_database_id_DOI      10.1021/bi9519821 
# 
loop_
_citation_author.citation_id 
_citation_author.name 
_citation_author.ordinal 
_citation_author.identifier_ORCID 
primary 'Nishizaki, T.' 1 ? 
primary 'Iwai, S.'      2 ? 
primary 'Ohkubo, T.'    3 ? 
primary 'Kojima, C.'    4 ? 
primary 'Nakamura, H.'  5 ? 
primary 'Kyogoku, Y.'   6 ? 
primary 'Ohtsuka, E.'   7 ? 
# 
loop_
_entity.id 
_entity.type 
_entity.src_method 
_entity.pdbx_description 
_entity.formula_weight 
_entity.pdbx_number_of_molecules 
_entity.pdbx_ec 
_entity.pdbx_mutation 
_entity.pdbx_fragment 
_entity.details 
1 polymer syn 
;DNA/RNA (5'-D(*GP*GP*AP*GP*A)-R(P*UP*GP*AP*C)-3')
;
2854.833 1 ? ? ? 'CRYSTALLIZATION CONDITIONS\: PH 7.0, 298K, 100MM NACL, 50MM NA PHOSPHATE, 3MM EDTA' 
2 polymer syn 
;DNA (5'-D(*GP*TP*CP*AP*TP*CP*TP*CP*C)-3')
;
2666.761 1 ? ? ? 'CRYSTALLIZATION CONDITIONS\: PH 7.0, 298K, 100MM NACL, 50MM NA PHOSPHATE, 3MM EDTA' 
# 
loop_
_entity_name_com.entity_id 
_entity_name_com.name 
1 DDH 
2 DDH 
# 
loop_
_entity_poly.entity_id 
_entity_poly.type 
_entity_poly.nstd_linkage 
_entity_poly.nstd_monomer 
_entity_poly.pdbx_seq_one_letter_code 
_entity_poly.pdbx_seq_one_letter_code_can 
_entity_poly.pdbx_strand_id 
_entity_poly.pdbx_target_identifier 
1 'polydeoxyribonucleotide/polyribonucleotide hybrid' no no '(DG)(DG)(DA)(DG)(DA)UGAC'             GGAGAUGAC A ? 
2 polydeoxyribonucleotide                             no no '(DG)(DT)(DC)(DA)(DT)(DC)(DT)(DC)(DC)' GTCATCTCC B ? 
# 
loop_
_entity_poly_seq.entity_id 
_entity_poly_seq.num 
_entity_poly_seq.mon_id 
_entity_poly_seq.hetero 
1 1 DG n 
1 2 DG n 
1 3 DA n 
1 4 DG n 
1 5 DA n 
1 6 U  n 
1 7 G  n 
1 8 A  n 
1 9 C  n 
2 1 DG n 
2 2 DT n 
2 3 DC n 
2 4 DA n 
2 5 DT n 
2 6 DC n 
2 7 DT n 
2 8 DC n 
2 9 DC n 
# 
loop_
_pdbx_entity_src_syn.entity_id 
_pdbx_entity_src_syn.pdbx_src_id 
_pdbx_entity_src_syn.pdbx_alt_source_flag 
_pdbx_entity_src_syn.pdbx_beg_seq_num 
_pdbx_entity_src_syn.pdbx_end_seq_num 
_pdbx_entity_src_syn.organism_scientific 
_pdbx_entity_src_syn.organism_common_name 
_pdbx_entity_src_syn.ncbi_taxonomy_id 
_pdbx_entity_src_syn.details 
1 1 sample ? ? ? ? ? 'A SUBSTRATE OF RNASE H' 
2 1 sample ? ? ? ? ? 'A SUBSTRATE OF RNASE H' 
# 
loop_
_chem_comp.id 
_chem_comp.type 
_chem_comp.mon_nstd_flag 
_chem_comp.name 
_chem_comp.pdbx_synonyms 
_chem_comp.formula 
_chem_comp.formula_weight 
A  'RNA linking' y "ADENOSINE-5'-MONOPHOSPHATE"         ? 'C10 H14 N5 O7 P' 347.221 
C  'RNA linking' y "CYTIDINE-5'-MONOPHOSPHATE"          ? 'C9 H14 N3 O8 P'  323.197 
DA 'DNA linking' y "2'-DEOXYADENOSINE-5'-MONOPHOSPHATE" ? 'C10 H14 N5 O6 P' 331.222 
DC 'DNA linking' y "2'-DEOXYCYTIDINE-5'-MONOPHOSPHATE"  ? 'C9 H14 N3 O7 P'  307.197 
DG 'DNA linking' y "2'-DEOXYGUANOSINE-5'-MONOPHOSPHATE" ? 'C10 H14 N5 O7 P' 347.221 
DT 'DNA linking' y "THYMIDINE-5'-MONOPHOSPHATE"         ? 'C10 H15 N2 O8 P' 322.208 
G  'RNA linking' y "GUANOSINE-5'-MONOPHOSPHATE"         ? 'C10 H14 N5 O8 P' 363.221 
U  'RNA linking' y "URIDINE-5'-MONOPHOSPHATE"           ? 'C9 H13 N2 O9 P'  324.181 
# 
loop_
_pdbx_poly_seq_scheme.asym_id 
_pdbx_poly_seq_scheme.entity_id 
_pdbx_poly_seq_scheme.seq_id 
_pdbx_poly_seq_scheme.mon_id 
_pdbx_poly_seq_scheme.ndb_seq_num 
_pdbx_poly_seq_scheme.pdb_seq_num 
_pdbx_poly_seq_scheme.auth_seq_num 
_pdbx_poly_seq_scheme.pdb_mon_id 
_pdbx_poly_seq_scheme.auth_mon_id 
_pdbx_poly_seq_scheme.pdb_strand_id 
_pdbx_poly_seq_scheme.pdb_ins_code 
_pdbx_poly_seq_scheme.hetero 
A 1 1 DG 1 1  1  DG G A . n 
A 1 2 DG 2 2  2  DG G A . n 
A 1 3 DA 3 3  3  DA A A . n 
A 1 4 DG 4 4  4  DG G A . n 
A 1 5 DA 5 5  5  DA A A . n 
A 1 6 U  6 6  6  U  U A . n 
A 1 7 G  7 7  7  G  G A . n 
A 1 8 A  8 8  8  A  A A . n 
A 1 9 C  9 9  9  C  C A . n 
B 2 1 DG 1 10 10 DG G B . n 
B 2 2 DT 2 11 11 DT T B . n 
B 2 3 DC 3 12 12 DC C B . n 
B 2 4 DA 4 13 13 DA A B . n 
B 2 5 DT 5 14 14 DT T B . n 
B 2 6 DC 6 15 15 DC C B . n 
B 2 7 DT 7 16 16 DT T B . n 
B 2 8 DC 8 17 17 DC C B . n 
B 2 9 DC 9 18 18 DC C B . n 
# 
loop_
_software.name 
_software.classification 
_software.version 
_software.citation_id 
_software.pdbx_ordinal 
X-PLOR 'model building' . ? 1 
X-PLOR refinement       . ? 2 
X-PLOR phasing          . ? 3 
# 
_cell.entry_id           1DRN 
_cell.length_a           1.000 
_cell.length_b           1.000 
_cell.length_c           1.000 
_cell.angle_alpha        90.00 
_cell.angle_beta         90.00 
_cell.angle_gamma        90.00 
_cell.Z_PDB              1 
_cell.pdbx_unique_axis   ? 
# 
_symmetry.entry_id                         1DRN 
_symmetry.space_group_name_H-M             'P 1' 
_symmetry.pdbx_full_space_group_name_H-M   ? 
_symmetry.cell_setting                     ? 
_symmetry.Int_Tables_number                1 
# 
_exptl.entry_id          1DRN 
_exptl.method            'SOLUTION NMR' 
_exptl.crystals_number   ? 
# 
_struct.entry_id                  1DRN 
_struct.title                     
'NMR SOLUTION STRUCTURE OF THE DNA DUPLEX CONTAINING DNA/RNA HYBRID REGION, D(GGAGA)R(UGAC)/D(GTCATCTCC)' 
_struct.pdbx_model_details        ? 
_struct.pdbx_CASP_flag            ? 
_struct.pdbx_model_type_details   ? 
# 
_struct_keywords.entry_id        1DRN 
_struct_keywords.pdbx_keywords   'DNA-RNA HYBRID' 
_struct_keywords.text            'DOUBLE HELIX, DNA/RNA HYBRID, DNA-RNA HYBRID' 
# 
loop_
_struct_asym.id 
_struct_asym.pdbx_blank_PDB_chainid_flag 
_struct_asym.pdbx_modified 
_struct_asym.entity_id 
_struct_asym.details 
A N N 1 ? 
B N N 2 ? 
# 
loop_
_struct_ref.id 
_struct_ref.entity_id 
_struct_ref.db_name 
_struct_ref.db_code 
_struct_ref.pdbx_db_accession 
_struct_ref.pdbx_align_begin 
_struct_ref.pdbx_seq_one_letter_code 
_struct_ref.pdbx_db_isoform 
1 1 PDB 1DRN 1DRN ? ? ? 
2 2 PDB 1DRN 1DRN ? ? ? 
# 
loop_
_struct_ref_seq.align_id 
_struct_ref_seq.ref_id 
_struct_ref_seq.pdbx_PDB_id_code 
_struct_ref_seq.pdbx_strand_id 
_struct_ref_seq.seq_align_beg 
_struct_ref_seq.pdbx_seq_align_beg_ins_code 
_struct_ref_seq.seq_align_end 
_struct_ref_seq.pdbx_seq_align_end_ins_code 
_struct_ref_seq.pdbx_db_accession 
_struct_ref_seq.db_align_beg 
_struct_ref_seq.pdbx_db_align_beg_ins_code 
_struct_ref_seq.db_align_end 
_struct_ref_seq.pdbx_db_align_end_ins_code 
_struct_ref_seq.pdbx_auth_seq_align_beg 
_struct_ref_seq.pdbx_auth_seq_align_end 
1 1 1DRN A 1 ? 9 ? 1DRN 1  ? 9  ? 1  9  
2 2 1DRN B 1 ? 9 ? 1DRN 10 ? 18 ? 10 18 
# 
_pdbx_struct_assembly.id                   1 
_pdbx_struct_assembly.details              author_defined_assembly 
_pdbx_struct_assembly.method_details       ? 
_pdbx_struct_assembly.oligomeric_details   dimeric 
_pdbx_struct_assembly.oligomeric_count     2 
# 
_pdbx_struct_assembly_gen.assembly_id       1 
_pdbx_struct_assembly_gen.oper_expression   1 
_pdbx_struct_assembly_gen.asym_id_list      A,B 
# 
_pdbx_struct_oper_list.id                   1 
_pdbx_struct_oper_list.type                 'identity operation' 
_pdbx_struct_oper_list.name                 1_555 
_pdbx_struct_oper_list.symmetry_operation   x,y,z 
_pdbx_struct_oper_list.matrix[1][1]         1.0000000000 
_pdbx_struct_oper_list.matrix[1][2]         0.0000000000 
_pdbx_struct_oper_list.matrix[1][3]         0.0000000000 
_pdbx_struct_oper_list.vector[1]            0.0000000000 
_pdbx_struct_oper_list.matrix[2][1]         0.0000000000 
_pdbx_struct_oper_list.matrix[2][2]         1.0000000000 
_pdbx_struct_oper_list.matrix[2][3]         0.0000000000 
_pdbx_struct_oper_list.vector[2]            0.0000000000 
_pdbx_struct_oper_list.matrix[3][1]         0.0000000000 
_pdbx_struct_oper_list.matrix[3][2]         0.0000000000 
_pdbx_struct_oper_list.matrix[3][3]         1.0000000000 
_pdbx_struct_oper_list.vector[3]            0.0000000000 
# 
_struct_biol.id        1 
_struct_biol.details   ? 
# 
loop_
_struct_conn.id 
_struct_conn.conn_type_id 
_struct_conn.pdbx_leaving_atom_flag 
_struct_conn.pdbx_PDB_id 
_struct_conn.ptnr1_label_asym_id 
_struct_conn.ptnr1_label_comp_id 
_struct_conn.ptnr1_label_seq_id 
_struct_conn.ptnr1_label_atom_id 
_struct_conn.pdbx_ptnr1_label_alt_id 
_struct_conn.pdbx_ptnr1_PDB_ins_code 
_struct_conn.pdbx_ptnr1_standard_comp_id 
_struct_conn.ptnr1_symmetry 
_struct_conn.ptnr2_label_asym_id 
_struct_conn.ptnr2_label_comp_id 
_struct_conn.ptnr2_label_seq_id 
_struct_conn.ptnr2_label_atom_id 
_struct_conn.pdbx_ptnr2_label_alt_id 
_struct_conn.pdbx_ptnr2_PDB_ins_code 
_struct_conn.ptnr1_auth_asym_id 
_struct_conn.ptnr1_auth_comp_id 
_struct_conn.ptnr1_auth_seq_id 
_struct_conn.ptnr2_auth_asym_id 
_struct_conn.ptnr2_auth_comp_id 
_struct_conn.ptnr2_auth_seq_id 
_struct_conn.ptnr2_symmetry 
_struct_conn.pdbx_ptnr3_label_atom_id 
_struct_conn.pdbx_ptnr3_label_seq_id 
_struct_conn.pdbx_ptnr3_label_comp_id 
_struct_conn.pdbx_ptnr3_label_asym_id 
_struct_conn.pdbx_ptnr3_label_alt_id 
_struct_conn.pdbx_ptnr3_PDB_ins_code 
_struct_conn.details 
_struct_conn.pdbx_dist_value 
_struct_conn.pdbx_value_order 
_struct_conn.pdbx_role 
hydrog1  hydrog ? ? A DG 1 N1 ? ? ? 1_555 B DC 9 N3 ? ? A DG 1 B DC 18 1_555 ? ? ? ? ? ? WATSON-CRICK ? ? ? 
hydrog2  hydrog ? ? A DG 1 N2 ? ? ? 1_555 B DC 9 O2 ? ? A DG 1 B DC 18 1_555 ? ? ? ? ? ? WATSON-CRICK ? ? ? 
hydrog3  hydrog ? ? A DG 1 O6 ? ? ? 1_555 B DC 9 N4 ? ? A DG 1 B DC 18 1_555 ? ? ? ? ? ? WATSON-CRICK ? ? ? 
hydrog4  hydrog ? ? A DG 2 N1 ? ? ? 1_555 B DC 8 N3 ? ? A DG 2 B DC 17 1_555 ? ? ? ? ? ? WATSON-CRICK ? ? ? 
hydrog5  hydrog ? ? A DG 2 N2 ? ? ? 1_555 B DC 8 O2 ? ? A DG 2 B DC 17 1_555 ? ? ? ? ? ? WATSON-CRICK ? ? ? 
hydrog6  hydrog ? ? A DG 2 O6 ? ? ? 1_555 B DC 8 N4 ? ? A DG 2 B DC 17 1_555 ? ? ? ? ? ? WATSON-CRICK ? ? ? 
hydrog7  hydrog ? ? A DA 3 N1 ? ? ? 1_555 B DT 7 N3 ? ? A DA 3 B DT 16 1_555 ? ? ? ? ? ? WATSON-CRICK ? ? ? 
hydrog8  hydrog ? ? A DA 3 N6 ? ? ? 1_555 B DT 7 O4 ? ? A DA 3 B DT 16 1_555 ? ? ? ? ? ? WATSON-CRICK ? ? ? 
hydrog9  hydrog ? ? A DG 4 N1 ? ? ? 1_555 B DC 6 N3 ? ? A DG 4 B DC 15 1_555 ? ? ? ? ? ? WATSON-CRICK ? ? ? 
hydrog10 hydrog ? ? A DG 4 N2 ? ? ? 1_555 B DC 6 O2 ? ? A DG 4 B DC 15 1_555 ? ? ? ? ? ? WATSON-CRICK ? ? ? 
hydrog11 hydrog ? ? A DG 4 O6 ? ? ? 1_555 B DC 6 N4 ? ? A DG 4 B DC 15 1_555 ? ? ? ? ? ? WATSON-CRICK ? ? ? 
hydrog12 hydrog ? ? A DA 5 N1 ? ? ? 1_555 B DT 5 N3 ? ? A DA 5 B DT 14 1_555 ? ? ? ? ? ? WATSON-CRICK ? ? ? 
hydrog13 hydrog ? ? A DA 5 N6 ? ? ? 1_555 B DT 5 O4 ? ? A DA 5 B DT 14 1_555 ? ? ? ? ? ? WATSON-CRICK ? ? ? 
hydrog14 hydrog ? ? A U  6 N3 ? ? ? 1_555 B DA 4 N1 ? ? A U  6 B DA 13 1_555 ? ? ? ? ? ? WATSON-CRICK ? ? ? 
hydrog15 hydrog ? ? A U  6 O4 ? ? ? 1_555 B DA 4 N6 ? ? A U  6 B DA 13 1_555 ? ? ? ? ? ? WATSON-CRICK ? ? ? 
hydrog16 hydrog ? ? A G  7 N1 ? ? ? 1_555 B DC 3 N3 ? ? A G  7 B DC 12 1_555 ? ? ? ? ? ? WATSON-CRICK ? ? ? 
hydrog17 hydrog ? ? A G  7 N2 ? ? ? 1_555 B DC 3 O2 ? ? A G  7 B DC 12 1_555 ? ? ? ? ? ? WATSON-CRICK ? ? ? 
hydrog18 hydrog ? ? A G  7 O6 ? ? ? 1_555 B DC 3 N4 ? ? A G  7 B DC 12 1_555 ? ? ? ? ? ? WATSON-CRICK ? ? ? 
hydrog19 hydrog ? ? A A  8 N1 ? ? ? 1_555 B DT 2 N3 ? ? A A  8 B DT 11 1_555 ? ? ? ? ? ? WATSON-CRICK ? ? ? 
hydrog20 hydrog ? ? A A  8 N6 ? ? ? 1_555 B DT 2 O4 ? ? A A  8 B DT 11 1_555 ? ? ? ? ? ? WATSON-CRICK ? ? ? 
hydrog21 hydrog ? ? A C  9 N3 ? ? ? 1_555 B DG 1 N1 ? ? A C  9 B DG 10 1_555 ? ? ? ? ? ? WATSON-CRICK ? ? ? 
hydrog22 hydrog ? ? A C  9 N4 ? ? ? 1_555 B DG 1 O6 ? ? A C  9 B DG 10 1_555 ? ? ? ? ? ? WATSON-CRICK ? ? ? 
hydrog23 hydrog ? ? A C  9 O2 ? ? ? 1_555 B DG 1 N2 ? ? A C  9 B DG 10 1_555 ? ? ? ? ? ? WATSON-CRICK ? ? ? 
# 
_struct_conn_type.id          hydrog 
_struct_conn_type.criteria    ? 
_struct_conn_type.reference   ? 
# 
loop_
_pdbx_validate_rmsd_angle.id 
_pdbx_validate_rmsd_angle.PDB_model_num 
_pdbx_validate_rmsd_angle.auth_atom_id_1 
_pdbx_validate_rmsd_angle.auth_asym_id_1 
_pdbx_validate_rmsd_angle.auth_comp_id_1 
_pdbx_validate_rmsd_angle.auth_seq_id_1 
_pdbx_validate_rmsd_angle.PDB_ins_code_1 
_pdbx_validate_rmsd_angle.label_alt_id_1 
_pdbx_validate_rmsd_angle.auth_atom_id_2 
_pdbx_validate_rmsd_angle.auth_asym_id_2 
_pdbx_validate_rmsd_angle.auth_comp_id_2 
_pdbx_validate_rmsd_angle.auth_seq_id_2 
_pdbx_validate_rmsd_angle.PDB_ins_code_2 
_pdbx_validate_rmsd_angle.label_alt_id_2 
_pdbx_validate_rmsd_angle.auth_atom_id_3 
_pdbx_validate_rmsd_angle.auth_asym_id_3 
_pdbx_validate_rmsd_angle.auth_comp_id_3 
_pdbx_validate_rmsd_angle.auth_seq_id_3 
_pdbx_validate_rmsd_angle.PDB_ins_code_3 
_pdbx_validate_rmsd_angle.label_alt_id_3 
_pdbx_validate_rmsd_angle.angle_value 
_pdbx_validate_rmsd_angle.angle_target_value 
_pdbx_validate_rmsd_angle.angle_deviation 
_pdbx_validate_rmsd_angle.angle_standard_deviation 
_pdbx_validate_rmsd_angle.linker_flag 
1  1 "O4'" A DG 1  ? ? "C1'" A DG 1  ? ? N9    A DG 1  ? ? 110.43 108.30 2.13  0.30 N 
2  1 N7    A DG 1  ? ? C8    A DG 1  ? ? N9    A DG 1  ? ? 117.70 113.10 4.60  0.50 N 
3  1 C8    A DG 1  ? ? N9    A DG 1  ? ? C4    A DG 1  ? ? 103.75 106.40 -2.65 0.40 N 
4  1 "O4'" A DG 2  ? ? "C1'" A DG 2  ? ? N9    A DG 2  ? ? 111.66 108.30 3.36  0.30 N 
5  1 N7    A DG 2  ? ? C8    A DG 2  ? ? N9    A DG 2  ? ? 117.48 113.10 4.38  0.50 N 
6  1 C8    A DG 2  ? ? N9    A DG 2  ? ? C4    A DG 2  ? ? 103.68 106.40 -2.72 0.40 N 
7  1 "O4'" A DA 3  ? ? "C1'" A DA 3  ? ? N9    A DA 3  ? ? 111.43 108.30 3.13  0.30 N 
8  1 N7    A DA 3  ? ? C8    A DA 3  ? ? N9    A DA 3  ? ? 117.84 113.80 4.04  0.50 N 
9  1 "O4'" A DG 4  ? ? "C1'" A DG 4  ? ? N9    A DG 4  ? ? 111.52 108.30 3.22  0.30 N 
10 1 N7    A DG 4  ? ? C8    A DG 4  ? ? N9    A DG 4  ? ? 117.72 113.10 4.62  0.50 N 
11 1 C8    A DG 4  ? ? N9    A DG 4  ? ? C4    A DG 4  ? ? 103.92 106.40 -2.48 0.40 N 
12 1 "O4'" A DA 5  ? ? "C1'" A DA 5  ? ? N9    A DA 5  ? ? 111.38 108.30 3.08  0.30 N 
13 1 N7    A DA 5  ? ? C8    A DA 5  ? ? N9    A DA 5  ? ? 117.80 113.80 4.00  0.50 N 
14 1 "C3'" A G  7  ? ? "C2'" A G  7  ? ? "C1'" A G  7  ? ? 106.74 101.50 5.24  0.80 N 
15 1 "O4'" A G  7  ? ? "C1'" A G  7  ? ? N9    A G  7  ? ? 113.03 108.50 4.53  0.70 N 
16 1 N7    A G  7  ? ? C8    A G  7  ? ? N9    A G  7  ? ? 117.65 113.10 4.55  0.50 N 
17 1 C8    A G  7  ? ? N9    A G  7  ? ? C4    A G  7  ? ? 103.88 106.40 -2.52 0.40 N 
18 1 N7    A A  8  ? ? C8    A A  8  ? ? N9    A A  8  ? ? 117.70 113.80 3.90  0.50 N 
19 1 "O4'" B DG 10 ? ? "C1'" B DG 10 ? ? N9    B DG 10 ? ? 111.12 108.30 2.82  0.30 N 
20 1 N7    B DG 10 ? ? C8    B DG 10 ? ? N9    B DG 10 ? ? 117.80 113.10 4.70  0.50 N 
21 1 C8    B DG 10 ? ? N9    B DG 10 ? ? C4    B DG 10 ? ? 103.81 106.40 -2.59 0.40 N 
22 1 "O4'" B DT 11 ? ? "C1'" B DT 11 ? ? N1    B DT 11 ? ? 111.26 108.30 2.96  0.30 N 
23 1 "O4'" B DC 12 ? ? "C1'" B DC 12 ? ? N1    B DC 12 ? ? 110.52 108.30 2.22  0.30 N 
24 1 "O4'" B DA 13 ? ? "C1'" B DA 13 ? ? N9    B DA 13 ? ? 111.93 108.30 3.63  0.30 N 
25 1 N7    B DA 13 ? ? C8    B DA 13 ? ? N9    B DA 13 ? ? 117.60 113.80 3.80  0.50 N 
26 1 C6    B DT 14 ? ? C5    B DT 14 ? ? C7    B DT 14 ? ? 119.22 122.90 -3.68 0.60 N 
27 1 "O4'" B DC 15 ? ? "C1'" B DC 15 ? ? N1    B DC 15 ? ? 111.20 108.30 2.90  0.30 N 
28 1 "O4'" B DT 16 ? ? "C1'" B DT 16 ? ? N1    B DT 16 ? ? 110.58 108.30 2.28  0.30 N 
29 1 "O4'" B DC 17 ? ? "C1'" B DC 17 ? ? N1    B DC 17 ? ? 111.10 108.30 2.80  0.30 N 
30 1 "O4'" B DC 18 ? ? "C1'" B DC 18 ? ? N1    B DC 18 ? ? 110.72 108.30 2.42  0.30 N 
# 
_pdbx_nmr_ensemble.entry_id                                      1DRN 
_pdbx_nmr_ensemble.conformers_calculated_total_number            ? 
_pdbx_nmr_ensemble.conformers_submitted_total_number             1 
_pdbx_nmr_ensemble.conformer_selection_criteria                  ? 
_pdbx_nmr_ensemble.average_constraints_per_residue               ? 
_pdbx_nmr_ensemble.average_constraint_violations_per_residue     ? 
_pdbx_nmr_ensemble.maximum_distance_constraint_violation         ? 
_pdbx_nmr_ensemble.average_distance_constraint_violation         ? 
_pdbx_nmr_ensemble.maximum_upper_distance_constraint_violation   ? 
_pdbx_nmr_ensemble.maximum_lower_distance_constraint_violation   ? 
_pdbx_nmr_ensemble.distance_constraint_violation_method          ? 
_pdbx_nmr_ensemble.maximum_torsion_angle_constraint_violation    ? 
_pdbx_nmr_ensemble.average_torsion_angle_constraint_violation    ? 
_pdbx_nmr_ensemble.torsion_angle_constraint_violation_method     ? 
# 
loop_
_pdbx_nmr_exptl_sample.solution_id 
_pdbx_nmr_exptl_sample.component 
_pdbx_nmr_exptl_sample.concentration 
_pdbx_nmr_exptl_sample.concentration_units 
_pdbx_nmr_exptl_sample.isotopic_labeling 
1 NACL           100 mM ? 
1 'NA PHOSPHATE' 50  mM ? 
1 EDTA           3   mM ? 
# 
_pdbx_nmr_exptl_sample_conditions.conditions_id       1 
_pdbx_nmr_exptl_sample_conditions.temperature         298 
_pdbx_nmr_exptl_sample_conditions.pressure            ? 
_pdbx_nmr_exptl_sample_conditions.pH                  7.0 
_pdbx_nmr_exptl_sample_conditions.ionic_strength      ? 
_pdbx_nmr_exptl_sample_conditions.pressure_units      . 
_pdbx_nmr_exptl_sample_conditions.temperature_units   K 
# 
_pdbx_nmr_refine.entry_id           1DRN 
_pdbx_nmr_refine.method             'MOLECULAR DYNAMICS, MATRIX RELAXATION' 
_pdbx_nmr_refine.details            
;RMSD BOND DISTANCES 0.0077 ANGSTROMS RMSD BOND ANGLES 1.40 DEGREES NUMBER OF ATOMS USED IN REFINEMENT. NUMBER OF PROTEIN ATOMS 0 NUMBER OF NUCLEIC ACID ATOMS 366 NUMBER OF HETEROGEN ATOMS 0 NUMBER OF SOLVENT ATOMS 0 THE STRUCTURES WAS REFINED BY A COMBINATION OF RESTRAINED MOLECULAR DYNAMICS USING THE X-PLOR (V3.1F) PROGRAM (BRUNGER 1988) AND FULL RELAXATION MATRIX REFINEMENT OF THE TWO-DIMENSIONAL NUCLEAR OVERHAUSER EFFECT SPECTRUM AT 150 MSEC.
;
_pdbx_nmr_refine.software_ordinal   1 
# 
_pdbx_nmr_software.name             X-PLOR 
_pdbx_nmr_software.version          3.1F 
_pdbx_nmr_software.classification   refinement 
_pdbx_nmr_software.authors          BRUNGER 
_pdbx_nmr_software.ordinal          1 
# 
loop_
_chem_comp_atom.comp_id 
_chem_comp_atom.atom_id 
_chem_comp_atom.type_symbol 
_chem_comp_atom.pdbx_aromatic_flag 
_chem_comp_atom.pdbx_stereo_config 
_chem_comp_atom.pdbx_ordinal 
A  OP3    O N N 1   
A  P      P N N 2   
A  OP1    O N N 3   
A  OP2    O N N 4   
A  "O5'"  O N N 5   
A  "C5'"  C N N 6   
A  "C4'"  C N R 7   
A  "O4'"  O N N 8   
A  "C3'"  C N S 9   
A  "O3'"  O N N 10  
A  "C2'"  C N R 11  
A  "O2'"  O N N 12  
A  "C1'"  C N R 13  
A  N9     N Y N 14  
A  C8     C Y N 15  
A  N7     N Y N 16  
A  C5     C Y N 17  
A  C6     C Y N 18  
A  N6     N N N 19  
A  N1     N Y N 20  
A  C2     C Y N 21  
A  N3     N Y N 22  
A  C4     C Y N 23  
A  HOP3   H N N 24  
A  HOP2   H N N 25  
A  "H5'"  H N N 26  
A  "H5''" H N N 27  
A  "H4'"  H N N 28  
A  "H3'"  H N N 29  
A  "HO3'" H N N 30  
A  "H2'"  H N N 31  
A  "HO2'" H N N 32  
A  "H1'"  H N N 33  
A  H8     H N N 34  
A  H61    H N N 35  
A  H62    H N N 36  
A  H2     H N N 37  
C  OP3    O N N 38  
C  P      P N N 39  
C  OP1    O N N 40  
C  OP2    O N N 41  
C  "O5'"  O N N 42  
C  "C5'"  C N N 43  
C  "C4'"  C N R 44  
C  "O4'"  O N N 45  
C  "C3'"  C N S 46  
C  "O3'"  O N N 47  
C  "C2'"  C N R 48  
C  "O2'"  O N N 49  
C  "C1'"  C N R 50  
C  N1     N N N 51  
C  C2     C N N 52  
C  O2     O N N 53  
C  N3     N N N 54  
C  C4     C N N 55  
C  N4     N N N 56  
C  C5     C N N 57  
C  C6     C N N 58  
C  HOP3   H N N 59  
C  HOP2   H N N 60  
C  "H5'"  H N N 61  
C  "H5''" H N N 62  
C  "H4'"  H N N 63  
C  "H3'"  H N N 64  
C  "HO3'" H N N 65  
C  "H2'"  H N N 66  
C  "HO2'" H N N 67  
C  "H1'"  H N N 68  
C  H41    H N N 69  
C  H42    H N N 70  
C  H5     H N N 71  
C  H6     H N N 72  
DA OP3    O N N 73  
DA P      P N N 74  
DA OP1    O N N 75  
DA OP2    O N N 76  
DA "O5'"  O N N 77  
DA "C5'"  C N N 78  
DA "C4'"  C N R 79  
DA "O4'"  O N N 80  
DA "C3'"  C N S 81  
DA "O3'"  O N N 82  
DA "C2'"  C N N 83  
DA "C1'"  C N R 84  
DA N9     N Y N 85  
DA C8     C Y N 86  
DA N7     N Y N 87  
DA C5     C Y N 88  
DA C6     C Y N 89  
DA N6     N N N 90  
DA N1     N Y N 91  
DA C2     C Y N 92  
DA N3     N Y N 93  
DA C4     C Y N 94  
DA HOP3   H N N 95  
DA HOP2   H N N 96  
DA "H5'"  H N N 97  
DA "H5''" H N N 98  
DA "H4'"  H N N 99  
DA "H3'"  H N N 100 
DA "HO3'" H N N 101 
DA "H2'"  H N N 102 
DA "H2''" H N N 103 
DA "H1'"  H N N 104 
DA H8     H N N 105 
DA H61    H N N 106 
DA H62    H N N 107 
DA H2     H N N 108 
DC OP3    O N N 109 
DC P      P N N 110 
DC OP1    O N N 111 
DC OP2    O N N 112 
DC "O5'"  O N N 113 
DC "C5'"  C N N 114 
DC "C4'"  C N R 115 
DC "O4'"  O N N 116 
DC "C3'"  C N S 117 
DC "O3'"  O N N 118 
DC "C2'"  C N N 119 
DC "C1'"  C N R 120 
DC N1     N N N 121 
DC C2     C N N 122 
DC O2     O N N 123 
DC N3     N N N 124 
DC C4     C N N 125 
DC N4     N N N 126 
DC C5     C N N 127 
DC C6     C N N 128 
DC HOP3   H N N 129 
DC HOP2   H N N 130 
DC "H5'"  H N N 131 
DC "H5''" H N N 132 
DC "H4'"  H N N 133 
DC "H3'"  H N N 134 
DC "HO3'" H N N 135 
DC "H2'"  H N N 136 
DC "H2''" H N N 137 
DC "H1'"  H N N 138 
DC H41    H N N 139 
DC H42    H N N 140 
DC H5     H N N 141 
DC H6     H N N 142 
DG OP3    O N N 143 
DG P      P N N 144 
DG OP1    O N N 145 
DG OP2    O N N 146 
DG "O5'"  O N N 147 
DG "C5'"  C N N 148 
DG "C4'"  C N R 149 
DG "O4'"  O N N 150 
DG "C3'"  C N S 151 
DG "O3'"  O N N 152 
DG "C2'"  C N N 153 
DG "C1'"  C N R 154 
DG N9     N Y N 155 
DG C8     C Y N 156 
DG N7     N Y N 157 
DG C5     C Y N 158 
DG C6     C N N 159 
DG O6     O N N 160 
DG N1     N N N 161 
DG C2     C N N 162 
DG N2     N N N 163 
DG N3     N N N 164 
DG C4     C Y N 165 
DG HOP3   H N N 166 
DG HOP2   H N N 167 
DG "H5'"  H N N 168 
DG "H5''" H N N 169 
DG "H4'"  H N N 170 
DG "H3'"  H N N 171 
DG "HO3'" H N N 172 
DG "H2'"  H N N 173 
DG "H2''" H N N 174 
DG "H1'"  H N N 175 
DG H8     H N N 176 
DG H1     H N N 177 
DG H21    H N N 178 
DG H22    H N N 179 
DT OP3    O N N 180 
DT P      P N N 181 
DT OP1    O N N 182 
DT OP2    O N N 183 
DT "O5'"  O N N 184 
DT "C5'"  C N N 185 
DT "C4'"  C N R 186 
DT "O4'"  O N N 187 
DT "C3'"  C N S 188 
DT "O3'"  O N N 189 
DT "C2'"  C N N 190 
DT "C1'"  C N R 191 
DT N1     N N N 192 
DT C2     C N N 193 
DT O2     O N N 194 
DT N3     N N N 195 
DT C4     C N N 196 
DT O4     O N N 197 
DT C5     C N N 198 
DT C7     C N N 199 
DT C6     C N N 200 
DT HOP3   H N N 201 
DT HOP2   H N N 202 
DT "H5'"  H N N 203 
DT "H5''" H N N 204 
DT "H4'"  H N N 205 
DT "H3'"  H N N 206 
DT "HO3'" H N N 207 
DT "H2'"  H N N 208 
DT "H2''" H N N 209 
DT "H1'"  H N N 210 
DT H3     H N N 211 
DT H71    H N N 212 
DT H72    H N N 213 
DT H73    H N N 214 
DT H6     H N N 215 
G  OP3    O N N 216 
G  P      P N N 217 
G  OP1    O N N 218 
G  OP2    O N N 219 
G  "O5'"  O N N 220 
G  "C5'"  C N N 221 
G  "C4'"  C N R 222 
G  "O4'"  O N N 223 
G  "C3'"  C N S 224 
G  "O3'"  O N N 225 
G  "C2'"  C N R 226 
G  "O2'"  O N N 227 
G  "C1'"  C N R 228 
G  N9     N Y N 229 
G  C8     C Y N 230 
G  N7     N Y N 231 
G  C5     C Y N 232 
G  C6     C N N 233 
G  O6     O N N 234 
G  N1     N N N 235 
G  C2     C N N 236 
G  N2     N N N 237 
G  N3     N N N 238 
G  C4     C Y N 239 
G  HOP3   H N N 240 
G  HOP2   H N N 241 
G  "H5'"  H N N 242 
G  "H5''" H N N 243 
G  "H4'"  H N N 244 
G  "H3'"  H N N 245 
G  "HO3'" H N N 246 
G  "H2'"  H N N 247 
G  "HO2'" H N N 248 
G  "H1'"  H N N 249 
G  H8     H N N 250 
G  H1     H N N 251 
G  H21    H N N 252 
G  H22    H N N 253 
U  OP3    O N N 254 
U  P      P N N 255 
U  OP1    O N N 256 
U  OP2    O N N 257 
U  "O5'"  O N N 258 
U  "C5'"  C N N 259 
U  "C4'"  C N R 260 
U  "O4'"  O N N 261 
U  "C3'"  C N S 262 
U  "O3'"  O N N 263 
U  "C2'"  C N R 264 
U  "O2'"  O N N 265 
U  "C1'"  C N R 266 
U  N1     N N N 267 
U  C2     C N N 268 
U  O2     O N N 269 
U  N3     N N N 270 
U  C4     C N N 271 
U  O4     O N N 272 
U  C5     C N N 273 
U  C6     C N N 274 
U  HOP3   H N N 275 
U  HOP2   H N N 276 
U  "H5'"  H N N 277 
U  "H5''" H N N 278 
U  "H4'"  H N N 279 
U  "H3'"  H N N 280 
U  "HO3'" H N N 281 
U  "H2'"  H N N 282 
U  "HO2'" H N N 283 
U  "H1'"  H N N 284 
U  H3     H N N 285 
U  H5     H N N 286 
U  H6     H N N 287 
# 
loop_
_chem_comp_bond.comp_id 
_chem_comp_bond.atom_id_1 
_chem_comp_bond.atom_id_2 
_chem_comp_bond.value_order 
_chem_comp_bond.pdbx_aromatic_flag 
_chem_comp_bond.pdbx_stereo_config 
_chem_comp_bond.pdbx_ordinal 
A  OP3   P      sing N N 1   
A  OP3   HOP3   sing N N 2   
A  P     OP1    doub N N 3   
A  P     OP2    sing N N 4   
A  P     "O5'"  sing N N 5   
A  OP2   HOP2   sing N N 6   
A  "O5'" "C5'"  sing N N 7   
A  "C5'" "C4'"  sing N N 8   
A  "C5'" "H5'"  sing N N 9   
A  "C5'" "H5''" sing N N 10  
A  "C4'" "O4'"  sing N N 11  
A  "C4'" "C3'"  sing N N 12  
A  "C4'" "H4'"  sing N N 13  
A  "O4'" "C1'"  sing N N 14  
A  "C3'" "O3'"  sing N N 15  
A  "C3'" "C2'"  sing N N 16  
A  "C3'" "H3'"  sing N N 17  
A  "O3'" "HO3'" sing N N 18  
A  "C2'" "O2'"  sing N N 19  
A  "C2'" "C1'"  sing N N 20  
A  "C2'" "H2'"  sing N N 21  
A  "O2'" "HO2'" sing N N 22  
A  "C1'" N9     sing N N 23  
A  "C1'" "H1'"  sing N N 24  
A  N9    C8     sing Y N 25  
A  N9    C4     sing Y N 26  
A  C8    N7     doub Y N 27  
A  C8    H8     sing N N 28  
A  N7    C5     sing Y N 29  
A  C5    C6     sing Y N 30  
A  C5    C4     doub Y N 31  
A  C6    N6     sing N N 32  
A  C6    N1     doub Y N 33  
A  N6    H61    sing N N 34  
A  N6    H62    sing N N 35  
A  N1    C2     sing Y N 36  
A  C2    N3     doub Y N 37  
A  C2    H2     sing N N 38  
A  N3    C4     sing Y N 39  
C  OP3   P      sing N N 40  
C  OP3   HOP3   sing N N 41  
C  P     OP1    doub N N 42  
C  P     OP2    sing N N 43  
C  P     "O5'"  sing N N 44  
C  OP2   HOP2   sing N N 45  
C  "O5'" "C5'"  sing N N 46  
C  "C5'" "C4'"  sing N N 47  
C  "C5'" "H5'"  sing N N 48  
C  "C5'" "H5''" sing N N 49  
C  "C4'" "O4'"  sing N N 50  
C  "C4'" "C3'"  sing N N 51  
C  "C4'" "H4'"  sing N N 52  
C  "O4'" "C1'"  sing N N 53  
C  "C3'" "O3'"  sing N N 54  
C  "C3'" "C2'"  sing N N 55  
C  "C3'" "H3'"  sing N N 56  
C  "O3'" "HO3'" sing N N 57  
C  "C2'" "O2'"  sing N N 58  
C  "C2'" "C1'"  sing N N 59  
C  "C2'" "H2'"  sing N N 60  
C  "O2'" "HO2'" sing N N 61  
C  "C1'" N1     sing N N 62  
C  "C1'" "H1'"  sing N N 63  
C  N1    C2     sing N N 64  
C  N1    C6     sing N N 65  
C  C2    O2     doub N N 66  
C  C2    N3     sing N N 67  
C  N3    C4     doub N N 68  
C  C4    N4     sing N N 69  
C  C4    C5     sing N N 70  
C  N4    H41    sing N N 71  
C  N4    H42    sing N N 72  
C  C5    C6     doub N N 73  
C  C5    H5     sing N N 74  
C  C6    H6     sing N N 75  
DA OP3   P      sing N N 76  
DA OP3   HOP3   sing N N 77  
DA P     OP1    doub N N 78  
DA P     OP2    sing N N 79  
DA P     "O5'"  sing N N 80  
DA OP2   HOP2   sing N N 81  
DA "O5'" "C5'"  sing N N 82  
DA "C5'" "C4'"  sing N N 83  
DA "C5'" "H5'"  sing N N 84  
DA "C5'" "H5''" sing N N 85  
DA "C4'" "O4'"  sing N N 86  
DA "C4'" "C3'"  sing N N 87  
DA "C4'" "H4'"  sing N N 88  
DA "O4'" "C1'"  sing N N 89  
DA "C3'" "O3'"  sing N N 90  
DA "C3'" "C2'"  sing N N 91  
DA "C3'" "H3'"  sing N N 92  
DA "O3'" "HO3'" sing N N 93  
DA "C2'" "C1'"  sing N N 94  
DA "C2'" "H2'"  sing N N 95  
DA "C2'" "H2''" sing N N 96  
DA "C1'" N9     sing N N 97  
DA "C1'" "H1'"  sing N N 98  
DA N9    C8     sing Y N 99  
DA N9    C4     sing Y N 100 
DA C8    N7     doub Y N 101 
DA C8    H8     sing N N 102 
DA N7    C5     sing Y N 103 
DA C5    C6     sing Y N 104 
DA C5    C4     doub Y N 105 
DA C6    N6     sing N N 106 
DA C6    N1     doub Y N 107 
DA N6    H61    sing N N 108 
DA N6    H62    sing N N 109 
DA N1    C2     sing Y N 110 
DA C2    N3     doub Y N 111 
DA C2    H2     sing N N 112 
DA N3    C4     sing Y N 113 
DC OP3   P      sing N N 114 
DC OP3   HOP3   sing N N 115 
DC P     OP1    doub N N 116 
DC P     OP2    sing N N 117 
DC P     "O5'"  sing N N 118 
DC OP2   HOP2   sing N N 119 
DC "O5'" "C5'"  sing N N 120 
DC "C5'" "C4'"  sing N N 121 
DC "C5'" "H5'"  sing N N 122 
DC "C5'" "H5''" sing N N 123 
DC "C4'" "O4'"  sing N N 124 
DC "C4'" "C3'"  sing N N 125 
DC "C4'" "H4'"  sing N N 126 
DC "O4'" "C1'"  sing N N 127 
DC "C3'" "O3'"  sing N N 128 
DC "C3'" "C2'"  sing N N 129 
DC "C3'" "H3'"  sing N N 130 
DC "O3'" "HO3'" sing N N 131 
DC "C2'" "C1'"  sing N N 132 
DC "C2'" "H2'"  sing N N 133 
DC "C2'" "H2''" sing N N 134 
DC "C1'" N1     sing N N 135 
DC "C1'" "H1'"  sing N N 136 
DC N1    C2     sing N N 137 
DC N1    C6     sing N N 138 
DC C2    O2     doub N N 139 
DC C2    N3     sing N N 140 
DC N3    C4     doub N N 141 
DC C4    N4     sing N N 142 
DC C4    C5     sing N N 143 
DC N4    H41    sing N N 144 
DC N4    H42    sing N N 145 
DC C5    C6     doub N N 146 
DC C5    H5     sing N N 147 
DC C6    H6     sing N N 148 
DG OP3   P      sing N N 149 
DG OP3   HOP3   sing N N 150 
DG P     OP1    doub N N 151 
DG P     OP2    sing N N 152 
DG P     "O5'"  sing N N 153 
DG OP2   HOP2   sing N N 154 
DG "O5'" "C5'"  sing N N 155 
DG "C5'" "C4'"  sing N N 156 
DG "C5'" "H5'"  sing N N 157 
DG "C5'" "H5''" sing N N 158 
DG "C4'" "O4'"  sing N N 159 
DG "C4'" "C3'"  sing N N 160 
DG "C4'" "H4'"  sing N N 161 
DG "O4'" "C1'"  sing N N 162 
DG "C3'" "O3'"  sing N N 163 
DG "C3'" "C2'"  sing N N 164 
DG "C3'" "H3'"  sing N N 165 
DG "O3'" "HO3'" sing N N 166 
DG "C2'" "C1'"  sing N N 167 
DG "C2'" "H2'"  sing N N 168 
DG "C2'" "H2''" sing N N 169 
DG "C1'" N9     sing N N 170 
DG "C1'" "H1'"  sing N N 171 
DG N9    C8     sing Y N 172 
DG N9    C4     sing Y N 173 
DG C8    N7     doub Y N 174 
DG C8    H8     sing N N 175 
DG N7    C5     sing Y N 176 
DG C5    C6     sing N N 177 
DG C5    C4     doub Y N 178 
DG C6    O6     doub N N 179 
DG C6    N1     sing N N 180 
DG N1    C2     sing N N 181 
DG N1    H1     sing N N 182 
DG C2    N2     sing N N 183 
DG C2    N3     doub N N 184 
DG N2    H21    sing N N 185 
DG N2    H22    sing N N 186 
DG N3    C4     sing N N 187 
DT OP3   P      sing N N 188 
DT OP3   HOP3   sing N N 189 
DT P     OP1    doub N N 190 
DT P     OP2    sing N N 191 
DT P     "O5'"  sing N N 192 
DT OP2   HOP2   sing N N 193 
DT "O5'" "C5'"  sing N N 194 
DT "C5'" "C4'"  sing N N 195 
DT "C5'" "H5'"  sing N N 196 
DT "C5'" "H5''" sing N N 197 
DT "C4'" "O4'"  sing N N 198 
DT "C4'" "C3'"  sing N N 199 
DT "C4'" "H4'"  sing N N 200 
DT "O4'" "C1'"  sing N N 201 
DT "C3'" "O3'"  sing N N 202 
DT "C3'" "C2'"  sing N N 203 
DT "C3'" "H3'"  sing N N 204 
DT "O3'" "HO3'" sing N N 205 
DT "C2'" "C1'"  sing N N 206 
DT "C2'" "H2'"  sing N N 207 
DT "C2'" "H2''" sing N N 208 
DT "C1'" N1     sing N N 209 
DT "C1'" "H1'"  sing N N 210 
DT N1    C2     sing N N 211 
DT N1    C6     sing N N 212 
DT C2    O2     doub N N 213 
DT C2    N3     sing N N 214 
DT N3    C4     sing N N 215 
DT N3    H3     sing N N 216 
DT C4    O4     doub N N 217 
DT C4    C5     sing N N 218 
DT C5    C7     sing N N 219 
DT C5    C6     doub N N 220 
DT C7    H71    sing N N 221 
DT C7    H72    sing N N 222 
DT C7    H73    sing N N 223 
DT C6    H6     sing N N 224 
G  OP3   P      sing N N 225 
G  OP3   HOP3   sing N N 226 
G  P     OP1    doub N N 227 
G  P     OP2    sing N N 228 
G  P     "O5'"  sing N N 229 
G  OP2   HOP2   sing N N 230 
G  "O5'" "C5'"  sing N N 231 
G  "C5'" "C4'"  sing N N 232 
G  "C5'" "H5'"  sing N N 233 
G  "C5'" "H5''" sing N N 234 
G  "C4'" "O4'"  sing N N 235 
G  "C4'" "C3'"  sing N N 236 
G  "C4'" "H4'"  sing N N 237 
G  "O4'" "C1'"  sing N N 238 
G  "C3'" "O3'"  sing N N 239 
G  "C3'" "C2'"  sing N N 240 
G  "C3'" "H3'"  sing N N 241 
G  "O3'" "HO3'" sing N N 242 
G  "C2'" "O2'"  sing N N 243 
G  "C2'" "C1'"  sing N N 244 
G  "C2'" "H2'"  sing N N 245 
G  "O2'" "HO2'" sing N N 246 
G  "C1'" N9     sing N N 247 
G  "C1'" "H1'"  sing N N 248 
G  N9    C8     sing Y N 249 
G  N9    C4     sing Y N 250 
G  C8    N7     doub Y N 251 
G  C8    H8     sing N N 252 
G  N7    C5     sing Y N 253 
G  C5    C6     sing N N 254 
G  C5    C4     doub Y N 255 
G  C6    O6     doub N N 256 
G  C6    N1     sing N N 257 
G  N1    C2     sing N N 258 
G  N1    H1     sing N N 259 
G  C2    N2     sing N N 260 
G  C2    N3     doub N N 261 
G  N2    H21    sing N N 262 
G  N2    H22    sing N N 263 
G  N3    C4     sing N N 264 
U  OP3   P      sing N N 265 
U  OP3   HOP3   sing N N 266 
U  P     OP1    doub N N 267 
U  P     OP2    sing N N 268 
U  P     "O5'"  sing N N 269 
U  OP2   HOP2   sing N N 270 
U  "O5'" "C5'"  sing N N 271 
U  "C5'" "C4'"  sing N N 272 
U  "C5'" "H5'"  sing N N 273 
U  "C5'" "H5''" sing N N 274 
U  "C4'" "O4'"  sing N N 275 
U  "C4'" "C3'"  sing N N 276 
U  "C4'" "H4'"  sing N N 277 
U  "O4'" "C1'"  sing N N 278 
U  "C3'" "O3'"  sing N N 279 
U  "C3'" "C2'"  sing N N 280 
U  "C3'" "H3'"  sing N N 281 
U  "O3'" "HO3'" sing N N 282 
U  "C2'" "O2'"  sing N N 283 
U  "C2'" "C1'"  sing N N 284 
U  "C2'" "H2'"  sing N N 285 
U  "O2'" "HO2'" sing N N 286 
U  "C1'" N1     sing N N 287 
U  "C1'" "H1'"  sing N N 288 
U  N1    C2     sing N N 289 
U  N1    C6     sing N N 290 
U  C2    O2     doub N N 291 
U  C2    N3     sing N N 292 
U  N3    C4     sing N N 293 
U  N3    H3     sing N N 294 
U  C4    O4     doub N N 295 
U  C4    C5     sing N N 296 
U  C5    C6     doub N N 297 
U  C5    H5     sing N N 298 
U  C6    H6     sing N N 299 
# 
_ndb_struct_conf_na.entry_id   1DRN 
_ndb_struct_conf_na.feature    'double helix' 
# 
loop_
_ndb_struct_na_base_pair.model_number 
_ndb_struct_na_base_pair.i_label_asym_id 
_ndb_struct_na_base_pair.i_label_comp_id 
_ndb_struct_na_base_pair.i_label_seq_id 
_ndb_struct_na_base_pair.i_symmetry 
_ndb_struct_na_base_pair.j_label_asym_id 
_ndb_struct_na_base_pair.j_label_comp_id 
_ndb_struct_na_base_pair.j_label_seq_id 
_ndb_struct_na_base_pair.j_symmetry 
_ndb_struct_na_base_pair.shear 
_ndb_struct_na_base_pair.stretch 
_ndb_struct_na_base_pair.stagger 
_ndb_struct_na_base_pair.buckle 
_ndb_struct_na_base_pair.propeller 
_ndb_struct_na_base_pair.opening 
_ndb_struct_na_base_pair.pair_number 
_ndb_struct_na_base_pair.pair_name 
_ndb_struct_na_base_pair.i_auth_asym_id 
_ndb_struct_na_base_pair.i_auth_seq_id 
_ndb_struct_na_base_pair.i_PDB_ins_code 
_ndb_struct_na_base_pair.j_auth_asym_id 
_ndb_struct_na_base_pair.j_auth_seq_id 
_ndb_struct_na_base_pair.j_PDB_ins_code 
_ndb_struct_na_base_pair.hbond_type_28 
_ndb_struct_na_base_pair.hbond_type_12 
1 A DG 1 1_555 B DC 9 1_555 -0.475 -0.391 0.079  -0.669 -3.214 -1.966 1 A_DG1:DC18_B A 1 ? B 18 ? 19 1 
1 A DG 2 1_555 B DC 8 1_555 -0.476 -0.057 -0.101 -0.117 0.604  3.674  2 A_DG2:DC17_B A 2 ? B 17 ? 19 1 
1 A DA 3 1_555 B DT 7 1_555 -0.748 -0.438 -0.035 -0.582 -2.994 6.094  3 A_DA3:DT16_B A 3 ? B 16 ? 20 1 
1 A DG 4 1_555 B DC 6 1_555 -1.038 -0.398 0.034  -0.065 -2.404 2.647  4 A_DG4:DC15_B A 4 ? B 15 ? 19 1 
1 A DA 5 1_555 B DT 5 1_555 -0.580 -0.345 -0.021 -1.605 -4.396 5.445  5 A_DA5:DT14_B A 5 ? B 14 ? 20 1 
1 A U  6 1_555 B DA 4 1_555 0.465  -0.343 -0.109 1.851  -1.525 0.436  6 A_U6:DA13_B  A 6 ? B 13 ? 20 1 
1 A G  7 1_555 B DC 3 1_555 -1.334 -0.452 0.015  -1.969 -4.804 7.669  7 A_G7:DC12_B  A 7 ? B 12 ? 19 1 
1 A A  8 1_555 B DT 2 1_555 -0.436 -0.381 0.063  0.235  -5.307 -0.771 8 A_A8:DT11_B  A 8 ? B 11 ? 20 1 
1 A C  9 1_555 B DG 1 1_555 1.405  -0.496 -0.142 4.268  -3.614 4.174  9 A_C9:DG10_B  A 9 ? B 10 ? 19 1 
# 
loop_
_ndb_struct_na_base_pair_step.model_number 
_ndb_struct_na_base_pair_step.i_label_asym_id_1 
_ndb_struct_na_base_pair_step.i_label_comp_id_1 
_ndb_struct_na_base_pair_step.i_label_seq_id_1 
_ndb_struct_na_base_pair_step.i_symmetry_1 
_ndb_struct_na_base_pair_step.j_label_asym_id_1 
_ndb_struct_na_base_pair_step.j_label_comp_id_1 
_ndb_struct_na_base_pair_step.j_label_seq_id_1 
_ndb_struct_na_base_pair_step.j_symmetry_1 
_ndb_struct_na_base_pair_step.i_label_asym_id_2 
_ndb_struct_na_base_pair_step.i_label_comp_id_2 
_ndb_struct_na_base_pair_step.i_label_seq_id_2 
_ndb_struct_na_base_pair_step.i_symmetry_2 
_ndb_struct_na_base_pair_step.j_label_asym_id_2 
_ndb_struct_na_base_pair_step.j_label_comp_id_2 
_ndb_struct_na_base_pair_step.j_label_seq_id_2 
_ndb_struct_na_base_pair_step.j_symmetry_2 
_ndb_struct_na_base_pair_step.shift 
_ndb_struct_na_base_pair_step.slide 
_ndb_struct_na_base_pair_step.rise 
_ndb_struct_na_base_pair_step.tilt 
_ndb_struct_na_base_pair_step.roll 
_ndb_struct_na_base_pair_step.twist 
_ndb_struct_na_base_pair_step.x_displacement 
_ndb_struct_na_base_pair_step.y_displacement 
_ndb_struct_na_base_pair_step.helical_rise 
_ndb_struct_na_base_pair_step.inclination 
_ndb_struct_na_base_pair_step.tip 
_ndb_struct_na_base_pair_step.helical_twist 
_ndb_struct_na_base_pair_step.step_number 
_ndb_struct_na_base_pair_step.step_name 
_ndb_struct_na_base_pair_step.i_auth_asym_id_1 
_ndb_struct_na_base_pair_step.i_auth_seq_id_1 
_ndb_struct_na_base_pair_step.i_PDB_ins_code_1 
_ndb_struct_na_base_pair_step.j_auth_asym_id_1 
_ndb_struct_na_base_pair_step.j_auth_seq_id_1 
_ndb_struct_na_base_pair_step.j_PDB_ins_code_1 
_ndb_struct_na_base_pair_step.i_auth_asym_id_2 
_ndb_struct_na_base_pair_step.i_auth_seq_id_2 
_ndb_struct_na_base_pair_step.i_PDB_ins_code_2 
_ndb_struct_na_base_pair_step.j_auth_asym_id_2 
_ndb_struct_na_base_pair_step.j_auth_seq_id_2 
_ndb_struct_na_base_pair_step.j_PDB_ins_code_2 
1 A DG 1 1_555 B DC 9 1_555 A DG 2 1_555 B DC 8 1_555 0.557  0.212  3.488 -2.911 12.168 31.298 -1.767 -1.473 3.279 21.508  5.145  
33.648 1 AA_DG1DG2:DC17DC18_BB A 1 ? B 18 ? A 2 ? B 17 ? 
1 A DG 2 1_555 B DC 8 1_555 A DA 3 1_555 B DT 7 1_555 -0.057 -1.689 3.086 -4.059 5.341  29.630 -4.192 -0.625 2.730 10.278  7.811  
30.363 2 AA_DG2DA3:DT16DC17_BB A 2 ? B 17 ? A 3 ? B 16 ? 
1 A DA 3 1_555 B DT 7 1_555 A DG 4 1_555 B DC 6 1_555 0.180  -0.896 3.930 -0.617 -5.825 28.954 -0.236 -0.515 4.025 -11.501 1.217  
29.528 3 AA_DA3DG4:DC15DT16_BB A 3 ? B 16 ? A 4 ? B 15 ? 
1 A DG 4 1_555 B DC 6 1_555 A DA 5 1_555 B DT 5 1_555 -0.143 -0.820 3.193 -0.368 5.114  34.056 -2.149 0.186  3.043 8.671   0.623  
34.429 4 AA_DG4DA5:DT14DC15_BB A 4 ? B 15 ? A 5 ? B 14 ? 
1 A DA 5 1_555 B DT 5 1_555 A U  6 1_555 B DA 4 1_555 0.425  -0.963 3.118 -0.126 1.423  35.479 -1.777 -0.714 3.077 2.334   0.207  
35.507 5 AA_DA5U6:DA13DT14_BB  A 5 ? B 14 ? A 6 ? B 13 ? 
1 A U  6 1_555 B DA 4 1_555 A G  7 1_555 B DC 3 1_555 0.140  -1.241 3.046 -4.189 3.294  23.312 -3.964 -1.567 2.778 8.018   10.197 
23.905 6 AA_U6G7:DC12DA13_BB   A 6 ? B 13 ? A 7 ? B 12 ? 
1 A G  7 1_555 B DC 3 1_555 A A  8 1_555 B DT 2 1_555 -0.980 0.221  3.388 -2.570 3.141  44.732 -0.008 1.039  3.443 4.117   3.369  
44.906 7 AA_G7A8:DT11DC12_BB   A 7 ? B 12 ? A 8 ? B 11 ? 
1 A A  8 1_555 B DT 2 1_555 A C  9 1_555 B DG 1 1_555 0.688  -0.701 3.577 2.953  -0.220 40.457 -0.985 -0.631 3.620 -0.317  -4.264 
40.561 8 AA_A8C9:DG10DT11_BB   A 8 ? B 11 ? A 9 ? B 10 ? 
# 
_atom_sites.entry_id                    1DRN 
_atom_sites.fract_transf_matrix[1][1]   1.000000 
_atom_sites.fract_transf_matrix[1][2]   0.000000 
_atom_sites.fract_transf_matrix[1][3]   0.000000 
_atom_sites.fract_transf_matrix[2][1]   0.000000 
_atom_sites.fract_transf_matrix[2][2]   1.000000 
_atom_sites.fract_transf_matrix[2][3]   0.000000 
_atom_sites.fract_transf_matrix[3][1]   0.000000 
_atom_sites.fract_transf_matrix[3][2]   0.000000 
_atom_sites.fract_transf_matrix[3][3]   1.000000 
_atom_sites.fract_transf_vector[1]      0.00000 
_atom_sites.fract_transf_vector[2]      0.00000 
_atom_sites.fract_transf_vector[3]      0.00000 
# 
loop_
_atom_type.symbol 
C 
N 
O 
P 
# 
loop_
_atom_site.group_PDB 
_atom_site.id 
_atom_site.type_symbol 
_atom_site.label_atom_id 
_atom_site.label_alt_id 
_atom_site.label_comp_id 
_atom_site.label_asym_id 
_atom_site.label_entity_id 
_atom_site.label_seq_id 
_atom_site.pdbx_PDB_ins_code 
_atom_site.Cartn_x 
_atom_site.Cartn_y 
_atom_site.Cartn_z 
_atom_site.occupancy 
_atom_site.B_iso_or_equiv 
_atom_site.pdbx_formal_charge 
_atom_site.auth_seq_id 
_atom_site.auth_comp_id 
_atom_site.auth_asym_id 
_atom_site.auth_atom_id 
_atom_site.pdbx_PDB_model_num 
ATOM 1   O "O5'" . DG A 1 1 ? 11.477  10.832  -4.673  1.00 0.36 ? 1  DG A "O5'" 1 
ATOM 2   C "C5'" . DG A 1 1 ? 11.548  12.260  -4.697  1.00 0.34 ? 1  DG A "C5'" 1 
ATOM 3   C "C4'" . DG A 1 1 ? 10.160  12.892  -4.730  1.00 0.32 ? 1  DG A "C4'" 1 
ATOM 4   O "O4'" . DG A 1 1 ? 9.406   12.429  -5.874  1.00 0.32 ? 1  DG A "O4'" 1 
ATOM 5   C "C3'" . DG A 1 1 ? 9.385   12.537  -3.471  1.00 0.29 ? 1  DG A "C3'" 1 
ATOM 6   O "O3'" . DG A 1 1 ? 8.901   13.730  -2.839  1.00 0.32 ? 1  DG A "O3'" 1 
ATOM 7   C "C2'" . DG A 1 1 ? 8.226   11.661  -3.946  1.00 0.30 ? 1  DG A "C2'" 1 
ATOM 8   C "C1'" . DG A 1 1 ? 8.142   11.872  -5.450  1.00 0.30 ? 1  DG A "C1'" 1 
ATOM 9   N N9    . DG A 1 1 ? 7.876   10.605  -6.152  1.00 0.29 ? 1  DG A N9    1 
ATOM 10  C C8    . DG A 1 1 ? 8.534   9.424   -6.079  1.00 0.29 ? 1  DG A C8    1 
ATOM 11  N N7    . DG A 1 1 ? 8.153   8.475   -6.866  1.00 0.28 ? 1  DG A N7    1 
ATOM 12  C C5    . DG A 1 1 ? 7.102   9.088   -7.558  1.00 0.26 ? 1  DG A C5    1 
ATOM 13  C C6    . DG A 1 1 ? 6.259   8.571   -8.577  1.00 0.24 ? 1  DG A C6    1 
ATOM 14  O O6    . DG A 1 1 ? 6.281   7.457   -9.092  1.00 0.23 ? 1  DG A O6    1 
ATOM 15  N N1    . DG A 1 1 ? 5.331   9.513   -8.996  1.00 0.25 ? 1  DG A N1    1 
ATOM 16  C C2    . DG A 1 1 ? 5.222   10.795  -8.502  1.00 0.28 ? 1  DG A C2    1 
ATOM 17  N N2    . DG A 1 1 ? 4.262   11.549  -9.024  1.00 0.31 ? 1  DG A N2    1 
ATOM 18  N N3    . DG A 1 1 ? 6.010   11.291  -7.548  1.00 0.28 ? 1  DG A N3    1 
ATOM 19  C C4    . DG A 1 1 ? 6.924   10.390  -7.122  1.00 0.27 ? 1  DG A C4    1 
ATOM 20  P P     . DG A 1 2 ? 7.965   13.657  -1.530  1.00 0.33 ? 2  DG A P     1 
ATOM 21  O OP1   . DG A 1 2 ? 7.946   14.995  -0.898  1.00 0.40 ? 2  DG A OP1   1 
ATOM 22  O OP2   . DG A 1 2 ? 8.365   12.472  -0.737  1.00 0.33 ? 2  DG A OP2   1 
ATOM 23  O "O5'" . DG A 1 2 ? 6.510   13.375  -2.162  1.00 0.28 ? 2  DG A "O5'" 1 
ATOM 24  C "C5'" . DG A 1 2 ? 5.744   14.440  -2.739  1.00 0.30 ? 2  DG A "C5'" 1 
ATOM 25  C "C4'" . DG A 1 2 ? 4.319   13.999  -3.060  1.00 0.28 ? 2  DG A "C4'" 1 
ATOM 26  O "O4'" . DG A 1 2 ? 4.309   12.948  -4.061  1.00 0.26 ? 2  DG A "O4'" 1 
ATOM 27  C "C3'" . DG A 1 2 ? 3.643   13.460  -1.816  1.00 0.28 ? 2  DG A "C3'" 1 
ATOM 28  O "O3'" . DG A 1 2 ? 2.285   13.953  -1.734  1.00 0.28 ? 2  DG A "O3'" 1 
ATOM 29  C "C2'" . DG A 1 2 ? 3.696   11.965  -1.999  1.00 0.26 ? 2  DG A "C2'" 1 
ATOM 30  C "C1'" . DG A 1 2 ? 3.677   11.777  -3.507  1.00 0.24 ? 2  DG A "C1'" 1 
ATOM 31  N N9    . DG A 1 2 ? 4.347   10.532  -3.950  1.00 0.22 ? 2  DG A N9    1 
ATOM 32  C C8    . DG A 1 2 ? 5.522   9.973   -3.565  1.00 0.23 ? 2  DG A C8    1 
ATOM 33  N N7    . DG A 1 2 ? 5.860   8.852   -4.119  1.00 0.22 ? 2  DG A N7    1 
ATOM 34  C C5    . DG A 1 2 ? 4.786   8.626   -4.989  1.00 0.19 ? 2  DG A C5    1 
ATOM 35  C C6    . DG A 1 2 ? 4.546   7.552   -5.895  1.00 0.18 ? 2  DG A C6    1 
ATOM 36  O O6    . DG A 1 2 ? 5.239   6.558   -6.113  1.00 0.18 ? 2  DG A O6    1 
ATOM 37  N N1    . DG A 1 2 ? 3.347   7.720   -6.576  1.00 0.17 ? 2  DG A N1    1 
ATOM 38  C C2    . DG A 1 2 ? 2.484   8.781   -6.411  1.00 0.19 ? 2  DG A C2    1 
ATOM 39  N N2    . DG A 1 2 ? 1.384   8.769   -7.155  1.00 0.21 ? 2  DG A N2    1 
ATOM 40  N N3    . DG A 1 2 ? 2.699   9.789   -5.566  1.00 0.21 ? 2  DG A N3    1 
ATOM 41  C C4    . DG A 1 2 ? 3.860   9.652   -4.890  1.00 0.20 ? 2  DG A C4    1 
ATOM 42  P P     . DA A 1 3 ? 1.035   13.013  -1.304  1.00 0.28 ? 3  DA A P     1 
ATOM 43  O OP1   . DA A 1 3 ? -0.161  13.874  -1.168  1.00 0.31 ? 3  DA A OP1   1 
ATOM 44  O OP2   . DA A 1 3 ? 1.460   12.165  -0.166  1.00 0.31 ? 3  DA A OP2   1 
ATOM 45  O "O5'" . DA A 1 3 ? 0.827   12.058  -2.594  1.00 0.25 ? 3  DA A "O5'" 1 
ATOM 46  C "C5'" . DA A 1 3 ? -0.139  12.390  -3.605  1.00 0.24 ? 3  DA A "C5'" 1 
ATOM 47  C "C4'" . DA A 1 3 ? -1.088  11.227  -3.913  1.00 0.21 ? 3  DA A "C4'" 1 
ATOM 48  O "O4'" . DA A 1 3 ? -0.439  10.181  -4.675  1.00 0.18 ? 3  DA A "O4'" 1 
ATOM 49  C "C3'" . DA A 1 3 ? -1.630  10.618  -2.642  1.00 0.21 ? 3  DA A "C3'" 1 
ATOM 50  O "O3'" . DA A 1 3 ? -3.026  10.929  -2.485  1.00 0.22 ? 3  DA A "O3'" 1 
ATOM 51  C "C2'" . DA A 1 3 ? -1.406  9.126   -2.782  1.00 0.18 ? 3  DA A "C2'" 1 
ATOM 52  C "C1'" . DA A 1 3 ? -0.839  8.892   -4.165  1.00 0.16 ? 3  DA A "C1'" 1 
ATOM 53  N N9    . DA A 1 3 ? 0.298   7.958   -4.112  1.00 0.15 ? 3  DA A N9    1 
ATOM 54  C C8    . DA A 1 3 ? 1.455   8.062   -3.432  1.00 0.17 ? 3  DA A C8    1 
ATOM 55  N N7    . DA A 1 3 ? 2.317   7.111   -3.559  1.00 0.17 ? 3  DA A N7    1 
ATOM 56  C C5    . DA A 1 3 ? 1.652   6.251   -4.437  1.00 0.14 ? 3  DA A C5    1 
ATOM 57  C C6    . DA A 1 3 ? 2.000   5.023   -5.005  1.00 0.13 ? 3  DA A C6    1 
ATOM 58  N N6    . DA A 1 3 ? 3.168   4.419   -4.777  1.00 0.15 ? 3  DA A N6    1 
ATOM 59  N N1    . DA A 1 3 ? 1.106   4.447   -5.827  1.00 0.11 ? 3  DA A N1    1 
ATOM 60  C C2    . DA A 1 3 ? -0.065  5.044   -6.080  1.00 0.11 ? 3  DA A C2    1 
ATOM 61  N N3    . DA A 1 3 ? -0.493  6.205   -5.597  1.00 0.12 ? 3  DA A N3    1 
ATOM 62  C C4    . DA A 1 3 ? 0.420   6.761   -4.778  1.00 0.13 ? 3  DA A C4    1 
ATOM 63  P P     . DG A 1 4 ? -3.967  10.087  -1.478  1.00 0.24 ? 4  DG A P     1 
ATOM 64  O OP1   . DG A 1 4 ? -5.301  10.724  -1.445  1.00 0.28 ? 4  DG A OP1   1 
ATOM 65  O OP2   . DG A 1 4 ? -3.223  9.866   -0.217  1.00 0.25 ? 4  DG A OP2   1 
ATOM 66  O "O5'" . DG A 1 4 ? -4.103  8.671   -2.240  1.00 0.20 ? 4  DG A "O5'" 1 
ATOM 67  C "C5'" . DG A 1 4 ? -4.565  8.613   -3.596  1.00 0.19 ? 4  DG A "C5'" 1 
ATOM 68  C "C4'" . DG A 1 4 ? -4.876  7.181   -4.029  1.00 0.17 ? 4  DG A "C4'" 1 
ATOM 69  O "O4'" . DG A 1 4 ? -3.667  6.397   -4.176  1.00 0.15 ? 4  DG A "O4'" 1 
ATOM 70  C "C3'" . DG A 1 4 ? -5.761  6.488   -3.004  1.00 0.18 ? 4  DG A "C3'" 1 
ATOM 71  O "O3'" . DG A 1 4 ? -6.973  6.015   -3.622  1.00 0.19 ? 4  DG A "O3'" 1 
ATOM 72  C "C2'" . DG A 1 4 ? -4.923  5.354   -2.485  1.00 0.17 ? 4  DG A "C2'" 1 
ATOM 73  C "C1'" . DG A 1 4 ? -3.861  5.126   -3.536  1.00 0.15 ? 4  DG A "C1'" 1 
ATOM 74  N N9    . DG A 1 4 ? -2.614  4.626   -2.937  1.00 0.14 ? 4  DG A N9    1 
ATOM 75  C C8    . DG A 1 4 ? -1.822  5.201   -2.007  1.00 0.15 ? 4  DG A C8    1 
ATOM 76  N N7    . DG A 1 4 ? -0.735  4.583   -1.679  1.00 0.14 ? 4  DG A N7    1 
ATOM 77  C C5    . DG A 1 4 ? -0.806  3.441   -2.486  1.00 0.12 ? 4  DG A C5    1 
ATOM 78  C C6    . DG A 1 4 ? 0.092   2.345   -2.602  1.00 0.11 ? 4  DG A C6    1 
ATOM 79  O O6    . DG A 1 4 ? 1.154   2.159   -2.012  1.00 0.11 ? 4  DG A O6    1 
ATOM 80  N N1    . DG A 1 4 ? -0.362  1.411   -3.523  1.00 0.10 ? 4  DG A N1    1 
ATOM 81  C C2    . DG A 1 4 ? -1.531  1.514   -4.247  1.00 0.10 ? 4  DG A C2    1 
ATOM 82  N N2    . DG A 1 4 ? -1.810  0.507   -5.066  1.00 0.10 ? 4  DG A N2    1 
ATOM 83  N N3    . DG A 1 4 ? -2.376  2.538   -4.149  1.00 0.11 ? 4  DG A N3    1 
ATOM 84  C C4    . DG A 1 4 ? -1.957  3.462   -3.256  1.00 0.12 ? 4  DG A C4    1 
ATOM 85  P P     . DA A 1 5 ? -7.907  4.901   -2.918  1.00 0.21 ? 5  DA A P     1 
ATOM 86  O OP1   . DA A 1 5 ? -9.218  4.894   -3.606  1.00 0.23 ? 5  DA A OP1   1 
ATOM 87  O OP2   . DA A 1 5 ? -7.847  5.098   -1.452  1.00 0.24 ? 5  DA A OP2   1 
ATOM 88  O "O5'" . DA A 1 5 ? -7.144  3.522   -3.272  1.00 0.20 ? 5  DA A "O5'" 1 
ATOM 89  C "C5'" . DA A 1 5 ? -7.373  2.850   -4.521  1.00 0.18 ? 5  DA A "C5'" 1 
ATOM 90  C "C4'" . DA A 1 5 ? -7.020  1.364   -4.444  1.00 0.16 ? 5  DA A "C4'" 1 
ATOM 91  O "O4'" . DA A 1 5 ? -5.612  1.173   -4.167  1.00 0.16 ? 5  DA A "O4'" 1 
ATOM 92  C "C3'" . DA A 1 5 ? -7.816  0.684   -3.346  1.00 0.17 ? 5  DA A "C3'" 1 
ATOM 93  O "O3'" . DA A 1 5 ? -8.705  -0.305  -3.888  1.00 0.17 ? 5  DA A "O3'" 1 
ATOM 94  C "C2'" . DA A 1 5 ? -6.781  0.024   -2.452  1.00 0.17 ? 5  DA A "C2'" 1 
ATOM 95  C "C1'" . DA A 1 5 ? -5.451  0.153   -3.165  1.00 0.16 ? 5  DA A "C1'" 1 
ATOM 96  N N9    . DA A 1 5 ? -4.356  0.486   -2.229  1.00 0.17 ? 5  DA A N9    1 
ATOM 97  C C8    . DA A 1 5 ? -4.173  1.590   -1.470  1.00 0.17 ? 5  DA A C8    1 
ATOM 98  N N7    . DA A 1 5 ? -3.085  1.674   -0.783  1.00 0.16 ? 5  DA A N7    1 
ATOM 99  C C5    . DA A 1 5 ? -2.454  0.472   -1.112  1.00 0.16 ? 5  DA A C5    1 
ATOM 100 C C6    . DA A 1 5 ? -1.236  -0.091  -0.723  1.00 0.16 ? 5  DA A C6    1 
ATOM 101 N N6    . DA A 1 5 ? -0.391  0.512   0.114   1.00 0.16 ? 5  DA A N6    1 
ATOM 102 N N1    . DA A 1 5 ? -0.918  -1.295  -1.232  1.00 0.16 ? 5  DA A N1    1 
ATOM 103 C C2    . DA A 1 5 ? -1.753  -1.912  -2.077  1.00 0.17 ? 5  DA A C2    1 
ATOM 104 N N3    . DA A 1 5 ? -2.928  -1.466  -2.513  1.00 0.16 ? 5  DA A N3    1 
ATOM 105 C C4    . DA A 1 5 ? -3.221  -0.259  -1.989  1.00 0.16 ? 5  DA A C4    1 
ATOM 106 P P     . U  A 1 6 ? -9.517  -1.314  -2.919  1.00 0.19 ? 6  U  A P     1 
ATOM 107 O OP1   . U  A 1 6 ? -10.411 -2.142  -3.759  1.00 0.19 ? 6  U  A OP1   1 
ATOM 108 O OP2   . U  A 1 6 ? -10.082 -0.528  -1.798  1.00 0.21 ? 6  U  A OP2   1 
ATOM 109 O "O5'" . U  A 1 6 ? -8.348  -2.266  -2.330  1.00 0.19 ? 6  U  A "O5'" 1 
ATOM 110 C "C5'" . U  A 1 6 ? -7.630  -3.154  -3.197  1.00 0.18 ? 6  U  A "C5'" 1 
ATOM 111 C "C4'" . U  A 1 6 ? -6.588  -3.999  -2.454  1.00 0.18 ? 6  U  A "C4'" 1 
ATOM 112 O "O4'" . U  A 1 6 ? -5.480  -3.206  -1.991  1.00 0.19 ? 6  U  A "O4'" 1 
ATOM 113 C "C3'" . U  A 1 6 ? -7.181  -4.695  -1.234  1.00 0.20 ? 6  U  A "C3'" 1 
ATOM 114 O "O3'" . U  A 1 6 ? -7.390  -6.093  -1.503  1.00 0.20 ? 6  U  A "O3'" 1 
ATOM 115 C "C2'" . U  A 1 6 ? -6.187  -4.462  -0.115  1.00 0.22 ? 6  U  A "C2'" 1 
ATOM 116 O "O2'" . U  A 1 6 ? -5.765  -5.673  0.516   1.00 0.25 ? 6  U  A "O2'" 1 
ATOM 117 C "C1'" . U  A 1 6 ? -5.012  -3.777  -0.758  1.00 0.20 ? 6  U  A "C1'" 1 
ATOM 118 N N1    . U  A 1 6 ? -4.417  -2.760  0.129   1.00 0.20 ? 6  U  A N1    1 
ATOM 119 C C2    . U  A 1 6 ? -3.156  -3.010  0.637   1.00 0.20 ? 6  U  A C2    1 
ATOM 120 O O2    . U  A 1 6 ? -2.544  -4.050  0.405   1.00 0.20 ? 6  U  A O2    1 
ATOM 121 N N3    . U  A 1 6 ? -2.616  -2.021  1.429   1.00 0.20 ? 6  U  A N3    1 
ATOM 122 C C4    . U  A 1 6 ? -3.212  -0.817  1.751   1.00 0.21 ? 6  U  A C4    1 
ATOM 123 O O4    . U  A 1 6 ? -2.631  -0.008  2.469   1.00 0.21 ? 6  U  A O4    1 
ATOM 124 C C5    . U  A 1 6 ? -4.527  -0.637  1.177   1.00 0.21 ? 6  U  A C5    1 
ATOM 125 C C6    . U  A 1 6 ? -5.080  -1.607  0.402   1.00 0.20 ? 6  U  A C6    1 
ATOM 126 P P     . G  A 1 7 ? -8.143  -7.059  -0.452  1.00 0.21 ? 7  G  A P     1 
ATOM 127 O OP1   . G  A 1 7 ? -8.817  -8.137  -1.208  1.00 0.27 ? 7  G  A OP1   1 
ATOM 128 O OP2   . G  A 1 7 ? -8.918  -6.215  0.486   1.00 0.23 ? 7  G  A OP2   1 
ATOM 129 O "O5'" . G  A 1 7 ? -6.903  -7.702  0.360   1.00 0.16 ? 7  G  A "O5'" 1 
ATOM 130 C "C5'" . G  A 1 7 ? -5.906  -8.472  -0.329  1.00 0.20 ? 7  G  A "C5'" 1 
ATOM 131 C "C4'" . G  A 1 7 ? -4.627  -8.668  0.497   1.00 0.18 ? 7  G  A "C4'" 1 
ATOM 132 O "O4'" . G  A 1 7 ? -3.863  -7.449  0.625   1.00 0.19 ? 7  G  A "O4'" 1 
ATOM 133 C "C3'" . G  A 1 7 ? -4.931  -9.133  1.910   1.00 0.13 ? 7  G  A "C3'" 1 
ATOM 134 O "O3'" . G  A 1 7 ? -4.895  -10.564 2.025   1.00 0.15 ? 7  G  A "O3'" 1 
ATOM 135 C "C2'" . G  A 1 7 ? -3.868  -8.491  2.762   1.00 0.13 ? 7  G  A "C2'" 1 
ATOM 136 O "O2'" . G  A 1 7 ? -2.921  -9.443  3.222   1.00 0.15 ? 7  G  A "O2'" 1 
ATOM 137 C "C1'" . G  A 1 7 ? -3.189  -7.467  1.905   1.00 0.16 ? 7  G  A "C1'" 1 
ATOM 138 N N9    . G  A 1 7 ? -3.205  -6.159  2.583   1.00 0.14 ? 7  G  A N9    1 
ATOM 139 C C8    . G  A 1 7 ? -4.110  -5.160  2.529   1.00 0.14 ? 7  G  A C8    1 
ATOM 140 N N7    . G  A 1 7 ? -3.878  -4.100  3.235   1.00 0.15 ? 7  G  A N7    1 
ATOM 141 C C5    . G  A 1 7 ? -2.661  -4.430  3.846   1.00 0.12 ? 7  G  A C5    1 
ATOM 142 C C6    . G  A 1 7 ? -1.856  -3.688  4.756   1.00 0.13 ? 7  G  A C6    1 
ATOM 143 O O6    . G  A 1 7 ? -2.040  -2.555  5.207   1.00 0.18 ? 7  G  A O6    1 
ATOM 144 N N1    . G  A 1 7 ? -0.721  -4.400  5.118   1.00 0.10 ? 7  G  A N1    1 
ATOM 145 C C2    . G  A 1 7 ? -0.394  -5.662  4.670   1.00 0.11 ? 7  G  A C2    1 
ATOM 146 N N2    . G  A 1 7 ? 0.734   -6.184  5.133   1.00 0.14 ? 7  G  A N2    1 
ATOM 147 N N3    . G  A 1 7 ? -1.139  -6.360  3.820   1.00 0.13 ? 7  G  A N3    1 
ATOM 148 C C4    . G  A 1 7 ? -2.250  -5.691  3.449   1.00 0.12 ? 7  G  A C4    1 
ATOM 149 P P     . A  A 1 8 ? -5.507  -11.298 3.330   1.00 0.16 ? 8  A  A P     1 
ATOM 150 O OP1   . A  A 1 8 ? -5.938  -12.658 2.933   1.00 0.19 ? 8  A  A OP1   1 
ATOM 151 O OP2   . A  A 1 8 ? -6.478  -10.379 3.965   1.00 0.16 ? 8  A  A OP2   1 
ATOM 152 O "O5'" . A  A 1 8 ? -4.233  -11.438 4.315   1.00 0.22 ? 8  A  A "O5'" 1 
ATOM 153 C "C5'" . A  A 1 8 ? -3.330  -12.545 4.197   1.00 0.33 ? 8  A  A "C5'" 1 
ATOM 154 C "C4'" . A  A 1 8 ? -2.139  -12.424 5.153   1.00 0.37 ? 8  A  A "C4'" 1 
ATOM 155 O "O4'" . A  A 1 8 ? -1.437  -11.172 4.961   1.00 0.32 ? 8  A  A "O4'" 1 
ATOM 156 C "C3'" . A  A 1 8 ? -2.579  -12.463 6.610   1.00 0.38 ? 8  A  A "C3'" 1 
ATOM 157 O "O3'" . A  A 1 8 ? -2.485  -13.779 7.174   1.00 0.50 ? 8  A  A "O3'" 1 
ATOM 158 C "C2'" . A  A 1 8 ? -1.655  -11.499 7.298   1.00 0.36 ? 8  A  A "C2'" 1 
ATOM 159 O "O2'" . A  A 1 8 ? -0.502  -12.159 7.826   1.00 0.46 ? 8  A  A "O2'" 1 
ATOM 160 C "C1'" . A  A 1 8 ? -1.261  -10.516 6.242   1.00 0.30 ? 8  A  A "C1'" 1 
ATOM 161 N N9    . A  A 1 8 ? -2.094  -9.300  6.347   1.00 0.21 ? 8  A  A N9    1 
ATOM 162 C C8    . A  A 1 8 ? -3.252  -8.991  5.719   1.00 0.16 ? 8  A  A C8    1 
ATOM 163 N N7    . A  A 1 8 ? -3.756  -7.822  5.931   1.00 0.14 ? 8  A  A N7    1 
ATOM 164 C C5    . A  A 1 8 ? -2.827  -7.275  6.820   1.00 0.15 ? 8  A  A C5    1 
ATOM 165 C C6    . A  A 1 8 ? -2.750  -6.036  7.462   1.00 0.19 ? 8  A  A C6    1 
ATOM 166 N N6    . A  A 1 8 ? -3.645  -5.065  7.271   1.00 0.25 ? 8  A  A N6    1 
ATOM 167 N N1    . A  A 1 8 ? -1.704  -5.825  8.284   1.00 0.20 ? 8  A  A N1    1 
ATOM 168 C C2    . A  A 1 8 ? -0.784  -6.779  8.462   1.00 0.19 ? 8  A  A C2    1 
ATOM 169 N N3    . A  A 1 8 ? -0.758  -7.984  7.898   1.00 0.20 ? 8  A  A N3    1 
ATOM 170 C C4    . A  A 1 8 ? -1.816  -8.169  7.083   1.00 0.18 ? 8  A  A C4    1 
ATOM 171 P P     . C  A 1 9 ? -3.352  -14.164 8.482   1.00 0.57 ? 9  C  A P     1 
ATOM 172 O OP1   . C  A 1 9 ? -2.994  -15.542 8.887   1.00 0.68 ? 9  C  A OP1   1 
ATOM 173 O OP2   . C  A 1 9 ? -4.767  -13.818 8.218   1.00 0.54 ? 9  C  A OP2   1 
ATOM 174 O "O5'" . C  A 1 9 ? -2.788  -13.145 9.600   1.00 0.58 ? 9  C  A "O5'" 1 
ATOM 175 C "C5'" . C  A 1 9 ? -1.445  -13.265 10.078  1.00 0.61 ? 9  C  A "C5'" 1 
ATOM 176 C "C4'" . C  A 1 9 ? -1.062  -12.121 11.018  1.00 0.59 ? 9  C  A "C4'" 1 
ATOM 177 O "O4'" . C  A 1 9 ? -1.164  -10.836 10.370  1.00 0.52 ? 9  C  A "O4'" 1 
ATOM 178 C "C3'" . C  A 1 9 ? -1.973  -12.073 12.231  1.00 0.66 ? 9  C  A "C3'" 1 
ATOM 179 O "O3'" . C  A 1 9 ? -1.438  -12.830 13.326  1.00 0.75 ? 9  C  A "O3'" 1 
ATOM 180 C "C2'" . C  A 1 9 ? -2.077  -10.611 12.568  1.00 0.64 ? 9  C  A "C2'" 1 
ATOM 181 O "O2'" . C  A 1 9 ? -1.122  -10.249 13.573  1.00 0.69 ? 9  C  A "O2'" 1 
ATOM 182 C "C1'" . C  A 1 9 ? -1.795  -9.890  11.270  1.00 0.53 ? 9  C  A "C1'" 1 
ATOM 183 N N1    . C  A 1 9 ? -3.043  -9.358  10.689  1.00 0.51 ? 9  C  A N1    1 
ATOM 184 C C2    . C  A 1 9 ? -3.343  -8.027  10.923  1.00 0.50 ? 9  C  A C2    1 
ATOM 185 O O2    . C  A 1 9 ? -2.629  -7.353  11.662  1.00 0.50 ? 9  C  A O2    1 
ATOM 186 N N3    . C  A 1 9 ? -4.447  -7.499  10.334  1.00 0.50 ? 9  C  A N3    1 
ATOM 187 C C4    . C  A 1 9 ? -5.228  -8.246  9.546   1.00 0.50 ? 9  C  A C4    1 
ATOM 188 N N4    . C  A 1 9 ? -6.300  -7.687  8.984   1.00 0.51 ? 9  C  A N4    1 
ATOM 189 C C5    . C  A 1 9 ? -4.926  -9.624  9.303   1.00 0.51 ? 9  C  A C5    1 
ATOM 190 C C6    . C  A 1 9 ? -3.834  -10.138 9.901   1.00 0.51 ? 9  C  A C6    1 
ATOM 191 O "O5'" . DG B 2 1 ? -6.139  2.950   13.024  1.00 0.77 ? 10 DG B "O5'" 1 
ATOM 192 C "C5'" . DG B 2 1 ? -5.764  2.925   14.403  1.00 0.79 ? 10 DG B "C5'" 1 
ATOM 193 C "C4'" . DG B 2 1 ? -4.707  1.861   14.680  1.00 0.75 ? 10 DG B "C4'" 1 
ATOM 194 O "O4'" . DG B 2 1 ? -5.230  0.530   14.478  1.00 0.70 ? 10 DG B "O4'" 1 
ATOM 195 C "C3'" . DG B 2 1 ? -3.510  2.036   13.757  1.00 0.74 ? 10 DG B "C3'" 1 
ATOM 196 O "O3'" . DG B 2 1 ? -2.380  2.525   14.493  1.00 0.78 ? 10 DG B "O3'" 1 
ATOM 197 C "C2'" . DG B 2 1 ? -3.237  0.654   13.184  1.00 0.69 ? 10 DG B "C2'" 1 
ATOM 198 C "C1'" . DG B 2 1 ? -4.224  -0.289  13.853  1.00 0.66 ? 10 DG B "C1'" 1 
ATOM 199 N N9    . DG B 2 1 ? -4.825  -1.215  12.876  1.00 0.61 ? 10 DG B N9    1 
ATOM 200 C C8    . DG B 2 1 ? -5.920  -1.054  12.101  1.00 0.62 ? 10 DG B C8    1 
ATOM 201 N N7    . DG B 2 1 ? -6.288  -2.048  11.364  1.00 0.58 ? 10 DG B N7    1 
ATOM 202 C C5    . DG B 2 1 ? -5.315  -3.005  11.677  1.00 0.53 ? 10 DG B C5    1 
ATOM 203 C C6    . DG B 2 1 ? -5.152  -4.335  11.198  1.00 0.49 ? 10 DG B C6    1 
ATOM 204 O O6    . DG B 2 1 ? -5.850  -4.954  10.396  1.00 0.49 ? 10 DG B O6    1 
ATOM 205 N N1    . DG B 2 1 ? -4.047  -4.945  11.769  1.00 0.47 ? 10 DG B N1    1 
ATOM 206 C C2    . DG B 2 1 ? -3.198  -4.363  12.684  1.00 0.48 ? 10 DG B C2    1 
ATOM 207 N N2    . DG B 2 1 ? -2.189  -5.113  13.109  1.00 0.47 ? 10 DG B N2    1 
ATOM 208 N N3    . DG B 2 1 ? -3.342  -3.119  13.142  1.00 0.52 ? 10 DG B N3    1 
ATOM 209 C C4    . DG B 2 1 ? -4.414  -2.499  12.601  1.00 0.55 ? 10 DG B C4    1 
ATOM 210 P P     . DT B 2 2 ? -0.946  2.725   13.784  1.00 0.79 ? 11 DT B P     1 
ATOM 211 O OP1   . DT B 2 2 ? -0.011  3.282   14.787  1.00 0.89 ? 11 DT B OP1   1 
ATOM 212 O OP2   . DT B 2 2 ? -1.156  3.431   12.500  1.00 0.84 ? 11 DT B OP2   1 
ATOM 213 O "O5'" . DT B 2 2 ? -0.502  1.211   13.464  1.00 0.64 ? 11 DT B "O5'" 1 
ATOM 214 C "C5'" . DT B 2 2 ? 0.046   0.373   14.489  1.00 0.58 ? 11 DT B "C5'" 1 
ATOM 215 C "C4'" . DT B 2 2 ? 0.842   -0.783  13.894  1.00 0.46 ? 11 DT B "C4'" 1 
ATOM 216 O "O4'" . DT B 2 2 ? -0.027  -1.721  13.222  1.00 0.42 ? 11 DT B "O4'" 1 
ATOM 217 C "C3'" . DT B 2 2 ? 1.848   -0.265  12.881  1.00 0.40 ? 11 DT B "C3'" 1 
ATOM 218 O "O3'" . DT B 2 2 ? 3.188   -0.619  13.256  1.00 0.36 ? 11 DT B "O3'" 1 
ATOM 219 C "C2'" . DT B 2 2 ? 1.468   -0.907  11.579  1.00 0.35 ? 11 DT B "C2'" 1 
ATOM 220 C "C1'" . DT B 2 2 ? 0.503   -2.016  11.917  1.00 0.34 ? 11 DT B "C1'" 1 
ATOM 221 N N1    . DT B 2 2 ? -0.569  -2.099  10.912  1.00 0.35 ? 11 DT B N1    1 
ATOM 222 C C2    . DT B 2 2 ? -0.730  -3.294  10.237  1.00 0.29 ? 11 DT B C2    1 
ATOM 223 O O2    . DT B 2 2 ? 0.024   -4.249  10.396  1.00 0.23 ? 11 DT B O2    1 
ATOM 224 N N3    . DT B 2 2 ? -1.783  -3.345  9.350   1.00 0.31 ? 11 DT B N3    1 
ATOM 225 C C4    . DT B 2 2 ? -2.675  -2.326  9.081   1.00 0.41 ? 11 DT B C4    1 
ATOM 226 O O4    . DT B 2 2 ? -3.590  -2.493  8.281   1.00 0.43 ? 11 DT B O4    1 
ATOM 227 C C5    . DT B 2 2 ? -2.424  -1.113  9.827   1.00 0.47 ? 11 DT B C5    1 
ATOM 228 C C7    . DT B 2 2 ? -3.344  0.090   9.640   1.00 0.60 ? 11 DT B C7    1 
ATOM 229 C C6    . DT B 2 2 ? -1.398  -1.036  10.697  1.00 0.44 ? 11 DT B C6    1 
ATOM 230 P P     . DC B 2 3 ? 4.433   -0.336  12.266  1.00 0.31 ? 12 DC B P     1 
ATOM 231 O OP1   . DC B 2 3 ? 5.683   -0.474  13.046  1.00 0.31 ? 12 DC B OP1   1 
ATOM 232 O OP2   . DC B 2 3 ? 4.162   0.916   11.523  1.00 0.34 ? 12 DC B OP2   1 
ATOM 233 O "O5'" . DC B 2 3 ? 4.350   -1.565  11.221  1.00 0.29 ? 12 DC B "O5'" 1 
ATOM 234 C "C5'" . DC B 2 3 ? 4.838   -2.869  11.574  1.00 0.27 ? 12 DC B "C5'" 1 
ATOM 235 C "C4'" . DC B 2 3 ? 4.805   -3.828  10.380  1.00 0.22 ? 12 DC B "C4'" 1 
ATOM 236 O "O4'" . DC B 2 3 ? 3.479   -3.895  9.821   1.00 0.20 ? 12 DC B "O4'" 1 
ATOM 237 C "C3'" . DC B 2 3 ? 5.766   -3.380  9.301   1.00 0.21 ? 12 DC B "C3'" 1 
ATOM 238 O "O3'" . DC B 2 3 ? 6.777   -4.378  9.081   1.00 0.28 ? 12 DC B "O3'" 1 
ATOM 239 C "C2'" . DC B 2 3 ? 4.918   -3.194  8.062   1.00 0.19 ? 12 DC B "C2'" 1 
ATOM 240 C "C1'" . DC B 2 3 ? 3.532   -3.703  8.399   1.00 0.16 ? 12 DC B "C1'" 1 
ATOM 241 N N1    . DC B 2 3 ? 2.499   -2.749  7.969   1.00 0.18 ? 12 DC B N1    1 
ATOM 242 C C2    . DC B 2 3 ? 1.503   -3.219  7.140   1.00 0.15 ? 12 DC B C2    1 
ATOM 243 O O2    . DC B 2 3 ? 1.563   -4.355  6.693   1.00 0.13 ? 12 DC B O2    1 
ATOM 244 N N3    . DC B 2 3 ? 0.478   -2.387  6.821   1.00 0.19 ? 12 DC B N3    1 
ATOM 245 C C4    . DC B 2 3 ? 0.436   -1.141  7.299   1.00 0.27 ? 12 DC B C4    1 
ATOM 246 N N4    . DC B 2 3 ? -0.593  -0.360  6.972   1.00 0.32 ? 12 DC B N4    1 
ATOM 247 C C5    . DC B 2 3 ? 1.477   -0.648  8.155   1.00 0.30 ? 12 DC B C5    1 
ATOM 248 C C6    . DC B 2 3 ? 2.486   -1.483  8.449   1.00 0.25 ? 12 DC B C6    1 
ATOM 249 P P     . DA B 2 4 ? 7.720   -4.337  7.770   1.00 0.61 ? 13 DA B P     1 
ATOM 250 O OP1   . DA B 2 4 ? 8.745   -5.396  7.904   1.00 1.22 ? 13 DA B OP1   1 
ATOM 251 O OP2   . DA B 2 4 ? 8.137   -2.935  7.541   1.00 1.27 ? 13 DA B OP2   1 
ATOM 252 O "O5'" . DA B 2 4 ? 6.703   -4.761  6.589   1.00 0.36 ? 13 DA B "O5'" 1 
ATOM 253 C "C5'" . DA B 2 4 ? 6.369   -6.139  6.370   1.00 0.33 ? 13 DA B "C5'" 1 
ATOM 254 C "C4'" . DA B 2 4 ? 5.705   -6.358  5.012   1.00 0.26 ? 13 DA B "C4'" 1 
ATOM 255 O "O4'" . DA B 2 4 ? 4.383   -5.766  4.963   1.00 0.25 ? 13 DA B "O4'" 1 
ATOM 256 C "C3'" . DA B 2 4 ? 6.535   -5.744  3.897   1.00 0.22 ? 13 DA B "C3'" 1 
ATOM 257 O "O3'" . DA B 2 4 ? 6.887   -6.750  2.923   1.00 0.24 ? 13 DA B "O3'" 1 
ATOM 258 C "C2'" . DA B 2 4 ? 5.636   -4.685  3.300   1.00 0.28 ? 13 DA B "C2'" 1 
ATOM 259 C "C1'" . DA B 2 4 ? 4.237   -5.094  3.705   1.00 0.26 ? 13 DA B "C1'" 1 
ATOM 260 N N9    . DA B 2 4 ? 3.347   -3.927  3.806   1.00 0.25 ? 13 DA B N9    1 
ATOM 261 C C8    . DA B 2 4 ? 3.529   -2.765  4.472   1.00 0.25 ? 13 DA B C8    1 
ATOM 262 N N7    . DA B 2 4 ? 2.596   -1.880  4.396   1.00 0.24 ? 13 DA B N7    1 
ATOM 263 C C5    . DA B 2 4 ? 1.667   -2.523  3.573   1.00 0.23 ? 13 DA B C5    1 
ATOM 264 C C6    . DA B 2 4 ? 0.419   -2.138  3.079   1.00 0.22 ? 13 DA B C6    1 
ATOM 265 N N6    . DA B 2 4 ? -0.134  -0.961  3.362   1.00 0.22 ? 13 DA B N6    1 
ATOM 266 N N1    . DA B 2 4 ? -0.237  -3.013  2.291   1.00 0.22 ? 13 DA B N1    1 
ATOM 267 C C2    . DA B 2 4 ? 0.306   -4.203  2.007   1.00 0.22 ? 13 DA B C2    1 
ATOM 268 N N3    . DA B 2 4 ? 1.482   -4.667  2.423   1.00 0.23 ? 13 DA B N3    1 
ATOM 269 C C4    . DA B 2 4 ? 2.115   -3.770  3.208   1.00 0.24 ? 13 DA B C4    1 
ATOM 270 P P     . DT B 2 5 ? 7.326   -6.372  1.410   1.00 0.30 ? 14 DT B P     1 
ATOM 271 O OP1   . DT B 2 5 ? 8.143   -7.484  0.876   1.00 0.31 ? 14 DT B OP1   1 
ATOM 272 O OP2   . DT B 2 5 ? 7.873   -4.995  1.414   1.00 0.37 ? 14 DT B OP2   1 
ATOM 273 O "O5'" . DT B 2 5 ? 5.914   -6.353  0.615   1.00 0.29 ? 14 DT B "O5'" 1 
ATOM 274 C "C5'" . DT B 2 5 ? 5.173   -7.565  0.386   1.00 0.22 ? 14 DT B "C5'" 1 
ATOM 275 C "C4'" . DT B 2 5 ? 4.075   -7.383  -0.676  1.00 0.22 ? 14 DT B "C4'" 1 
ATOM 276 O "O4'" . DT B 2 5 ? 3.077   -6.450  -0.230  1.00 0.24 ? 14 DT B "O4'" 1 
ATOM 277 C "C3'" . DT B 2 5 ? 4.644   -6.885  -1.986  1.00 0.21 ? 14 DT B "C3'" 1 
ATOM 278 O "O3'" . DT B 2 5 ? 4.516   -7.881  -3.013  1.00 0.23 ? 14 DT B "O3'" 1 
ATOM 279 C "C2'" . DT B 2 5 ? 3.848   -5.670  -2.328  1.00 0.19 ? 14 DT B "C2'" 1 
ATOM 280 C "C1'" . DT B 2 5 ? 2.753   -5.547  -1.297  1.00 0.20 ? 14 DT B "C1'" 1 
ATOM 281 N N1    . DT B 2 5 ? 2.675   -4.175  -0.787  1.00 0.18 ? 14 DT B N1    1 
ATOM 282 C C2    . DT B 2 5 ? 1.521   -3.452  -0.997  1.00 0.17 ? 14 DT B C2    1 
ATOM 283 O O2    . DT B 2 5 ? 0.602   -3.865  -1.698  1.00 0.18 ? 14 DT B O2    1 
ATOM 284 N N3    . DT B 2 5 ? 1.475   -2.211  -0.398  1.00 0.16 ? 14 DT B N3    1 
ATOM 285 C C4    . DT B 2 5 ? 2.469   -1.643  0.379   1.00 0.17 ? 14 DT B C4    1 
ATOM 286 O O4    . DT B 2 5 ? 2.311   -0.534  0.881   1.00 0.18 ? 14 DT B O4    1 
ATOM 287 C C5    . DT B 2 5 ? 3.643   -2.478  0.530   1.00 0.18 ? 14 DT B C5    1 
ATOM 288 C C7    . DT B 2 5 ? 4.819   -2.004  1.384   1.00 0.20 ? 14 DT B C7    1 
ATOM 289 C C6    . DT B 2 5 ? 3.703   -3.686  -0.055  1.00 0.18 ? 14 DT B C6    1 
ATOM 290 P P     . DC B 2 6 ? 5.031   -7.591  -4.515  1.00 0.24 ? 15 DC B P     1 
ATOM 291 O OP1   . DC B 2 6 ? 4.913   -8.845  -5.295  1.00 0.28 ? 15 DC B OP1   1 
ATOM 292 O OP2   . DC B 2 6 ? 6.338   -6.900  -4.428  1.00 0.27 ? 15 DC B OP2   1 
ATOM 293 O "O5'" . DC B 2 6 ? 3.945   -6.537  -5.076  1.00 0.17 ? 15 DC B "O5'" 1 
ATOM 294 C "C5'" . DC B 2 6 ? 2.712   -6.975  -5.664  1.00 0.17 ? 15 DC B "C5'" 1 
ATOM 295 C "C4'" . DC B 2 6 ? 1.832   -5.786  -6.048  1.00 0.14 ? 15 DC B "C4'" 1 
ATOM 296 O "O4'" . DC B 2 6 ? 1.635   -4.907  -4.934  1.00 0.13 ? 15 DC B "O4'" 1 
ATOM 297 C "C3'" . DC B 2 6 ? 2.465   -4.978  -7.154  1.00 0.13 ? 15 DC B "C3'" 1 
ATOM 298 O "O3'" . DC B 2 6 ? 1.927   -5.368  -8.426  1.00 0.17 ? 15 DC B "O3'" 1 
ATOM 299 C "C2'" . DC B 2 6 ? 2.087   -3.531  -6.812  1.00 0.12 ? 15 DC B "C2'" 1 
ATOM 300 C "C1'" . DC B 2 6 ? 1.435   -3.582  -5.443  1.00 0.12 ? 15 DC B "C1'" 1 
ATOM 301 N N1    . DC B 2 6 ? 2.010   -2.570  -4.538  1.00 0.11 ? 15 DC B N1    1 
ATOM 302 C C2    . DC B 2 6 ? 1.267   -1.428  -4.283  1.00 0.10 ? 15 DC B C2    1 
ATOM 303 O O2    . DC B 2 6 ? 0.189   -1.247  -4.844  1.00 0.10 ? 15 DC B O2    1 
ATOM 304 N N3    . DC B 2 6 ? 1.771   -0.518  -3.403  1.00 0.11 ? 15 DC B N3    1 
ATOM 305 C C4    . DC B 2 6 ? 2.950   -0.723  -2.802  1.00 0.11 ? 15 DC B C4    1 
ATOM 306 N N4    . DC B 2 6 ? 3.396   0.175   -1.924  1.00 0.12 ? 15 DC B N4    1 
ATOM 307 C C5    . DC B 2 6 ? 3.717   -1.902  -3.073  1.00 0.12 ? 15 DC B C5    1 
ATOM 308 C C6    . DC B 2 6 ? 3.215   -2.784  -3.941  1.00 0.12 ? 15 DC B C6    1 
ATOM 309 P P     . DT B 2 7 ? 2.304   -4.568  -9.773  1.00 0.20 ? 16 DT B P     1 
ATOM 310 O OP1   . DT B 2 7 ? 1.848   -5.371  -10.929 1.00 0.32 ? 16 DT B OP1   1 
ATOM 311 O OP2   . DT B 2 7 ? 3.719   -4.141  -9.684  1.00 0.23 ? 16 DT B OP2   1 
ATOM 312 O "O5'" . DT B 2 7 ? 1.375   -3.257  -9.674  1.00 0.18 ? 16 DT B "O5'" 1 
ATOM 313 C "C5'" . DT B 2 7 ? -0.053  -3.373  -9.709  1.00 0.19 ? 16 DT B "C5'" 1 
ATOM 314 C "C4'" . DT B 2 7 ? -0.729  -2.006  -9.716  1.00 0.18 ? 16 DT B "C4'" 1 
ATOM 315 O "O4'" . DT B 2 7 ? -0.389  -1.265  -8.533  1.00 0.16 ? 16 DT B "O4'" 1 
ATOM 316 C "C3'" . DT B 2 7 ? -0.307  -1.187  -10.928 1.00 0.16 ? 16 DT B "C3'" 1 
ATOM 317 O "O3'" . DT B 2 7 ? -1.430  -0.981  -11.793 1.00 0.17 ? 16 DT B "O3'" 1 
ATOM 318 C "C2'" . DT B 2 7 ? 0.194   0.128   -10.372 1.00 0.15 ? 16 DT B "C2'" 1 
ATOM 319 C "C1'" . DT B 2 7 ? -0.080  0.092   -8.884  1.00 0.15 ? 16 DT B "C1'" 1 
ATOM 320 N N1    . DT B 2 7 ? 1.088   0.565   -8.135  1.00 0.14 ? 16 DT B N1    1 
ATOM 321 C C2    . DT B 2 7 ? 0.974   1.753   -7.454  1.00 0.14 ? 16 DT B C2    1 
ATOM 322 O O2    . DT B 2 7 ? -0.031  2.455   -7.522  1.00 0.15 ? 16 DT B O2    1 
ATOM 323 N N3    . DT B 2 7 ? 2.071   2.129   -6.715  1.00 0.13 ? 16 DT B N3    1 
ATOM 324 C C4    . DT B 2 7 ? 3.259   1.428   -6.601  1.00 0.13 ? 16 DT B C4    1 
ATOM 325 O O4    . DT B 2 7 ? 4.167   1.853   -5.893  1.00 0.14 ? 16 DT B O4    1 
ATOM 326 C C5    . DT B 2 7 ? 3.288   0.199   -7.362  1.00 0.14 ? 16 DT B C5    1 
ATOM 327 C C7    . DT B 2 7 ? 4.541   -0.679  -7.352  1.00 0.15 ? 16 DT B C7    1 
ATOM 328 C C6    . DT B 2 7 ? 2.224   -0.182  -8.089  1.00 0.14 ? 16 DT B C6    1 
ATOM 329 P P     . DC B 2 8 ? -1.338  0.013   -13.056 1.00 0.14 ? 17 DC B P     1 
ATOM 330 O OP1   . DC B 2 8 ? -2.650  0.006   -13.743 1.00 0.14 ? 17 DC B OP1   1 
ATOM 331 O OP2   . DC B 2 8 ? -0.108  -0.314  -13.811 1.00 0.15 ? 17 DC B OP2   1 
ATOM 332 O "O5'" . DC B 2 8 ? -1.134  1.458   -12.358 1.00 0.15 ? 17 DC B "O5'" 1 
ATOM 333 C "C5'" . DC B 2 8 ? -2.260  2.263   -11.979 1.00 0.19 ? 17 DC B "C5'" 1 
ATOM 334 C "C4'" . DC B 2 8 ? -1.855  3.715   -11.693 1.00 0.21 ? 17 DC B "C4'" 1 
ATOM 335 O "O4'" . DC B 2 8 ? -1.048  3.823   -10.512 1.00 0.19 ? 17 DC B "O4'" 1 
ATOM 336 C "C3'" . DC B 2 8 ? -1.059  4.303   -12.831 1.00 0.21 ? 17 DC B "C3'" 1 
ATOM 337 O "O3'" . DC B 2 8 ? -1.902  5.049   -13.721 1.00 0.25 ? 17 DC B "O3'" 1 
ATOM 338 C "C2'" . DC B 2 8 ? -0.047  5.197   -12.154 1.00 0.21 ? 17 DC B "C2'" 1 
ATOM 339 C "C1'" . DC B 2 8 ? -0.207  4.974   -10.666 1.00 0.20 ? 17 DC B "C1'" 1 
ATOM 340 N N1    . DC B 2 8 ? 1.096   4.770   -10.011 1.00 0.17 ? 17 DC B N1    1 
ATOM 341 C C2    . DC B 2 8 ? 1.523   5.703   -9.079  1.00 0.17 ? 17 DC B C2    1 
ATOM 342 O O2    . DC B 2 8 ? 0.852   6.709   -8.852  1.00 0.18 ? 17 DC B O2    1 
ATOM 343 N N3    . DC B 2 8 ? 2.702   5.477   -8.438  1.00 0.15 ? 17 DC B N3    1 
ATOM 344 C C4    . DC B 2 8 ? 3.427   4.382   -8.700  1.00 0.14 ? 17 DC B C4    1 
ATOM 345 N N4    . DC B 2 8 ? 4.579   4.205   -8.052  1.00 0.15 ? 17 DC B N4    1 
ATOM 346 C C5    . DC B 2 8 ? 2.979   3.416   -9.667  1.00 0.15 ? 17 DC B C5    1 
ATOM 347 C C6    . DC B 2 8 ? 1.822   3.664   -10.292 1.00 0.16 ? 17 DC B C6    1 
ATOM 348 P P     . DC B 2 9 ? -1.339  5.611   -15.124 1.00 0.31 ? 18 DC B P     1 
ATOM 349 O OP1   . DC B 2 9 ? -2.480  5.759   -16.053 1.00 0.37 ? 18 DC B OP1   1 
ATOM 350 O OP2   . DC B 2 9 ? -0.170  4.793   -15.518 1.00 0.31 ? 18 DC B OP2   1 
ATOM 351 O "O5'" . DC B 2 9 ? -0.813  7.081   -14.731 1.00 0.35 ? 18 DC B "O5'" 1 
ATOM 352 C "C5'" . DC B 2 9 ? -1.729  8.169   -14.550 1.00 0.38 ? 18 DC B "C5'" 1 
ATOM 353 C "C4'" . DC B 2 9 ? -1.001  9.426   -14.082 1.00 0.41 ? 18 DC B "C4'" 1 
ATOM 354 O "O4'" . DC B 2 9 ? -0.309  9.187   -12.846 1.00 0.38 ? 18 DC B "O4'" 1 
ATOM 355 C "C3'" . DC B 2 9 ? 0.005   9.869   -15.108 1.00 0.45 ? 18 DC B "C3'" 1 
ATOM 356 O "O3'" . DC B 2 9 ? -0.488  10.979  -15.856 1.00 0.52 ? 18 DC B "O3'" 1 
ATOM 357 C "C2'" . DC B 2 9 ? 1.238   10.251  -14.317 1.00 0.44 ? 18 DC B "C2'" 1 
ATOM 358 C "C1'" . DC B 2 9 ? 0.987   9.806   -12.889 1.00 0.38 ? 18 DC B "C1'" 1 
ATOM 359 N N1    . DC B 2 9 ? 2.030   8.863   -12.447 1.00 0.32 ? 18 DC B N1    1 
ATOM 360 C C2    . DC B 2 9 ? 2.884   9.269   -11.433 1.00 0.30 ? 18 DC B C2    1 
ATOM 361 O O2    . DC B 2 9 ? 2.774   10.388  -10.938 1.00 0.32 ? 18 DC B O2    1 
ATOM 362 N N3    . DC B 2 9 ? 3.846   8.401   -11.017 1.00 0.26 ? 18 DC B N3    1 
ATOM 363 C C4    . DC B 2 9 ? 3.966   7.189   -11.572 1.00 0.25 ? 18 DC B C4    1 
ATOM 364 N N4    . DC B 2 9 ? 4.918   6.368   -11.138 1.00 0.25 ? 18 DC B N4    1 
ATOM 365 C C5    . DC B 2 9 ? 3.091   6.767   -12.618 1.00 0.27 ? 18 DC B C5    1 
ATOM 366 C C6    . DC B 2 9 ? 2.140   7.633   -13.023 1.00 0.30 ? 18 DC B C6    1 
# 
